data_6IND
#
_entry.id   6IND
#
_cell.length_a   57.835
_cell.length_b   80.185
_cell.length_c   163.334
_cell.angle_alpha   90.00
_cell.angle_beta   90.00
_cell.angle_gamma   90.00
#
_symmetry.space_group_name_H-M   'P 21 21 21'
#
loop_
_entity.id
_entity.type
_entity.pdbx_description
1 polymer "cAMP-specific 3',5'-cyclic phosphodiesterase 4D"
2 non-polymer (1S)-6,7-dimethoxy-1-[2-(6-methyl-1H-indol-3-yl)ethyl]-3,4-dihydroisoquinoline-2(1H)-carbaldehyde
3 non-polymer 'MAGNESIUM ION'
4 non-polymer 'ZINC ION'
5 non-polymer 1,2-ETHANEDIOL
6 water water
#
_entity_poly.entity_id   1
_entity_poly.type   'polypeptide(L)'
_entity_poly.pdbx_seq_one_letter_code
;MGSSHHHHHHSSGLVPRGSHMTEQEDVLAKELEDVNKWGLHVFRIAELSGNRPLTVIMHTIFQERDLLKTFKIPVDTLIT
YLMTLEDHYHADVAYHNNIHAADVVQSTHVLLSTPALEAVFTDLEILAAIFASAIHDVDHPGVSNQFLINTNSELALMYN
DSSVLENHHLAVGFKLLQEENCDIFQNLTKKQRQSLRKMVIDIVLATDMSKHMNLLADLKTMVETKKVTSSGVLLLDNYS
DRIQVLQNMVHCADLSNPTKPLQLYRQWTDRIMEEFFRQGDRERERGMEISPMCDKHNASVEKSQVGFIDYIVHPLWETW
ADLVHPDAQDILDTLEDNREWYQSTIPQS
;
_entity_poly.pdbx_strand_id   A,B
#
loop_
_chem_comp.id
_chem_comp.type
_chem_comp.name
_chem_comp.formula
AKO non-polymer (1S)-6,7-dimethoxy-1-[2-(6-methyl-1H-indol-3-yl)ethyl]-3,4-dihydroisoquinoline-2(1H)-carbaldehyde 'C23 H26 N2 O3'
EDO non-polymer 1,2-ETHANEDIOL 'C2 H6 O2'
MG non-polymer 'MAGNESIUM ION' 'Mg 2'
ZN non-polymer 'ZINC ION' 'Zn 2'
#
# COMPACT_ATOMS: atom_id res chain seq x y z
N GLU A 23 37.05 13.99 26.68
CA GLU A 23 37.83 14.29 25.48
C GLU A 23 37.15 13.77 24.22
N GLN A 24 36.67 12.52 24.27
CA GLN A 24 35.98 11.95 23.11
C GLN A 24 34.71 12.73 22.78
N GLU A 25 34.03 13.24 23.81
CA GLU A 25 32.85 14.08 23.58
C GLU A 25 33.24 15.42 22.95
N ASP A 26 34.44 15.93 23.24
CA ASP A 26 34.87 17.19 22.64
C ASP A 26 35.13 17.02 21.14
N VAL A 27 35.79 15.92 20.77
CA VAL A 27 36.07 15.65 19.36
C VAL A 27 34.77 15.41 18.59
N LEU A 28 33.81 14.71 19.22
CA LEU A 28 32.49 14.52 18.60
C LEU A 28 31.80 15.87 18.37
N ALA A 29 31.89 16.77 19.35
CA ALA A 29 31.28 18.08 19.21
C ALA A 29 31.92 18.86 18.07
N LYS A 30 33.24 18.75 17.90
CA LYS A 30 33.91 19.38 16.76
C LYS A 30 33.41 18.83 15.43
N GLU A 31 33.25 17.50 15.35
CA GLU A 31 32.76 16.91 14.10
C GLU A 31 31.33 17.32 13.82
N LEU A 32 30.50 17.49 14.86
CA LEU A 32 29.11 17.89 14.64
C LEU A 32 29.00 19.34 14.20
N GLU A 33 30.07 20.13 14.31
CA GLU A 33 30.02 21.46 13.74
C GLU A 33 29.86 21.45 12.23
N ASP A 34 30.06 20.30 11.58
CA ASP A 34 29.89 20.16 10.14
C ASP A 34 28.47 19.75 9.74
N VAL A 35 27.51 19.79 10.66
CA VAL A 35 26.19 19.23 10.38
C VAL A 35 25.47 19.92 9.23
N ASN A 36 25.81 21.16 8.92
CA ASN A 36 25.14 21.84 7.82
C ASN A 36 25.87 21.69 6.50
N LYS A 37 26.89 20.84 6.45
CA LYS A 37 27.74 20.70 5.28
C LYS A 37 27.53 19.36 4.61
N TRP A 38 27.46 19.37 3.29
CA TRP A 38 27.52 18.14 2.50
C TRP A 38 28.87 17.48 2.72
N GLY A 39 28.87 16.18 2.94
CA GLY A 39 30.14 15.51 3.19
C GLY A 39 30.60 15.50 4.63
N LEU A 40 29.72 15.83 5.57
CA LEU A 40 29.91 15.48 6.97
C LEU A 40 30.53 14.09 7.09
N HIS A 41 31.48 13.95 8.02
CA HIS A 41 32.19 12.69 8.25
C HIS A 41 31.30 11.76 9.09
N VAL A 42 30.30 11.17 8.43
CA VAL A 42 29.27 10.44 9.19
C VAL A 42 29.83 9.16 9.82
N PHE A 43 30.84 8.54 9.21
CA PHE A 43 31.38 7.33 9.82
C PHE A 43 32.20 7.68 11.04
N ARG A 44 32.93 8.79 10.98
CA ARG A 44 33.64 9.29 12.17
C ARG A 44 32.67 9.59 13.29
N ILE A 45 31.54 10.21 12.95
CA ILE A 45 30.54 10.53 13.98
C ILE A 45 29.94 9.26 14.59
N ALA A 46 29.74 8.21 13.78
CA ALA A 46 29.23 6.97 14.35
C ALA A 46 30.23 6.37 15.34
N GLU A 47 31.52 6.41 15.00
CA GLU A 47 32.55 5.91 15.92
C GLU A 47 32.64 6.79 17.18
N LEU A 48 32.72 8.11 17.01
CA LEU A 48 32.90 9.00 18.15
C LEU A 48 31.69 9.03 19.07
N SER A 49 30.51 8.67 18.57
CA SER A 49 29.31 8.72 19.36
C SER A 49 28.97 7.38 19.99
N GLY A 50 29.82 6.38 19.81
CA GLY A 50 29.52 5.08 20.39
C GLY A 50 28.47 4.34 19.60
N ASN A 51 28.55 4.40 18.27
CA ASN A 51 27.55 3.83 17.36
C ASN A 51 26.17 4.41 17.63
N ARG A 52 26.13 5.72 17.86
CA ARG A 52 24.86 6.43 17.96
C ARG A 52 24.79 7.59 16.96
N PRO A 53 25.19 7.40 15.69
CA PRO A 53 25.14 8.55 14.78
C PRO A 53 23.74 9.08 14.56
N LEU A 54 22.73 8.20 14.52
CA LEU A 54 21.37 8.69 14.25
C LEU A 54 20.89 9.56 15.40
N THR A 55 21.15 9.13 16.64
CA THR A 55 20.71 9.90 17.80
C THR A 55 21.39 11.27 17.84
N VAL A 56 22.72 11.30 17.73
CA VAL A 56 23.43 12.57 17.93
C VAL A 56 23.20 13.50 16.77
N ILE A 57 23.11 12.96 15.54
CA ILE A 57 22.87 13.84 14.40
C ILE A 57 21.45 14.38 14.42
N MET A 58 20.46 13.53 14.72
CA MET A 58 19.08 14.01 14.85
C MET A 58 18.95 15.04 15.96
N HIS A 59 19.50 14.75 17.14
CA HIS A 59 19.43 15.73 18.23
C HIS A 59 20.07 17.05 17.80
N THR A 60 21.23 16.99 17.16
CA THR A 60 21.92 18.20 16.72
C THR A 60 21.07 18.98 15.74
N ILE A 61 20.44 18.29 14.78
CA ILE A 61 19.63 18.99 13.78
C ILE A 61 18.38 19.59 14.44
N PHE A 62 17.77 18.89 15.40
CA PHE A 62 16.60 19.44 16.08
C PHE A 62 16.97 20.70 16.87
N GLN A 63 18.16 20.71 17.49
CA GLN A 63 18.64 21.93 18.15
C GLN A 63 18.91 23.02 17.13
N GLU A 64 19.58 22.67 16.04
CA GLU A 64 19.94 23.65 15.01
C GLU A 64 18.70 24.32 14.43
N ARG A 65 17.62 23.56 14.22
CA ARG A 65 16.40 24.11 13.63
C ARG A 65 15.38 24.55 14.68
N ASP A 66 15.73 24.52 15.97
CA ASP A 66 14.86 24.97 17.07
C ASP A 66 13.56 24.15 17.15
N LEU A 67 13.63 22.87 16.78
CA LEU A 67 12.43 22.07 16.68
C LEU A 67 11.90 21.64 18.05
N LEU A 68 12.77 21.45 19.04
CA LEU A 68 12.28 21.13 20.38
C LEU A 68 11.41 22.24 20.94
N LYS A 69 11.83 23.50 20.79
CA LYS A 69 11.04 24.63 21.26
C LYS A 69 9.75 24.80 20.44
N THR A 70 9.87 24.72 19.12
CA THR A 70 8.71 24.95 18.25
C THR A 70 7.59 23.95 18.56
N PHE A 71 7.95 22.69 18.78
CA PHE A 71 6.95 21.64 18.93
C PHE A 71 6.89 21.11 20.34
N LYS A 72 7.53 21.79 21.27
CA LYS A 72 7.46 21.46 22.70
C LYS A 72 7.81 20.00 22.93
N ILE A 73 8.89 19.56 22.30
CA ILE A 73 9.38 18.20 22.44
C ILE A 73 10.28 18.14 23.67
N PRO A 74 9.93 17.35 24.70
CA PRO A 74 10.84 17.21 25.84
C PRO A 74 12.15 16.58 25.39
N VAL A 75 13.27 17.15 25.85
CA VAL A 75 14.56 16.65 25.37
C VAL A 75 14.74 15.18 25.74
N ASP A 76 14.28 14.78 26.93
CA ASP A 76 14.46 13.39 27.34
C ASP A 76 13.63 12.45 26.48
N THR A 77 12.47 12.92 26.04
CA THR A 77 11.61 12.14 25.17
C THR A 77 12.25 11.98 23.80
N LEU A 78 12.83 13.05 23.27
CA LEU A 78 13.51 12.98 21.98
C LEU A 78 14.65 11.97 22.03
N ILE A 79 15.52 12.05 23.04
CA ILE A 79 16.64 11.13 23.13
C ILE A 79 16.15 9.69 23.28
N THR A 80 15.14 9.49 24.11
CA THR A 80 14.64 8.14 24.33
C THR A 80 14.08 7.55 23.04
N TYR A 81 13.30 8.34 22.29
CA TYR A 81 12.79 7.82 21.02
C TYR A 81 13.93 7.53 20.06
N LEU A 82 14.86 8.48 19.91
CA LEU A 82 15.95 8.31 18.94
C LEU A 82 16.76 7.07 19.24
N MET A 83 17.07 6.84 20.52
CA MET A 83 17.86 5.68 20.89
C MET A 83 17.09 4.39 20.61
N THR A 84 15.79 4.38 20.89
CA THR A 84 14.97 3.21 20.57
C THR A 84 14.89 3.00 19.05
N LEU A 85 14.63 4.09 18.31
CA LEU A 85 14.56 3.97 16.85
C LEU A 85 15.88 3.43 16.30
N GLU A 86 16.99 4.03 16.74
CA GLU A 86 18.30 3.60 16.31
C GLU A 86 18.55 2.14 16.64
N ASP A 87 18.03 1.68 17.79
CA ASP A 87 18.16 0.28 18.19
C ASP A 87 17.50 -0.67 17.19
N HIS A 88 16.45 -0.22 16.50
CA HIS A 88 15.71 -1.07 15.59
C HIS A 88 16.26 -1.04 14.15
N TYR A 89 17.34 -0.34 13.91
CA TYR A 89 18.19 -0.60 12.75
C TYR A 89 19.13 -1.74 13.09
N HIS A 90 19.37 -2.63 12.12
CA HIS A 90 20.17 -3.83 12.34
C HIS A 90 21.66 -3.47 12.32
N ALA A 91 22.34 -3.70 13.45
CA ALA A 91 23.78 -3.44 13.45
C ALA A 91 24.55 -4.42 12.57
N ASP A 92 23.96 -5.56 12.20
CA ASP A 92 24.67 -6.57 11.42
C ASP A 92 24.35 -6.49 9.93
N VAL A 93 23.73 -5.40 9.47
CA VAL A 93 23.50 -5.18 8.05
C VAL A 93 24.49 -4.12 7.59
N ALA A 94 25.21 -4.39 6.49
CA ALA A 94 26.39 -3.57 6.19
C ALA A 94 26.02 -2.18 5.69
N TYR A 95 24.90 -2.06 4.96
CA TYR A 95 24.51 -0.77 4.40
C TYR A 95 23.28 -0.19 5.08
N HIS A 96 22.17 -0.91 5.06
CA HIS A 96 20.88 -0.37 5.53
C HIS A 96 20.80 -0.42 7.06
N ASN A 97 21.68 0.33 7.69
CA ASN A 97 21.81 0.38 9.14
C ASN A 97 21.64 1.82 9.63
N ASN A 98 21.96 2.04 10.91
CA ASN A 98 21.74 3.34 11.54
C ASN A 98 22.66 4.41 10.96
N ILE A 99 23.82 4.04 10.42
CA ILE A 99 24.69 5.04 9.78
C ILE A 99 24.02 5.57 8.52
N HIS A 100 23.51 4.66 7.68
CA HIS A 100 22.72 5.08 6.51
C HIS A 100 21.55 5.99 6.91
N ALA A 101 20.81 5.62 7.93
CA ALA A 101 19.70 6.48 8.36
C ALA A 101 20.19 7.87 8.76
N ALA A 102 21.25 7.93 9.55
CA ALA A 102 21.79 9.22 9.97
C ALA A 102 22.27 10.04 8.78
N ASP A 103 22.87 9.38 7.79
CA ASP A 103 23.35 10.03 6.58
C ASP A 103 22.19 10.62 5.77
N VAL A 104 21.10 9.86 5.64
CA VAL A 104 19.93 10.37 4.89
C VAL A 104 19.29 11.52 5.65
N VAL A 105 19.19 11.42 6.98
CA VAL A 105 18.71 12.53 7.80
C VAL A 105 19.53 13.78 7.56
N GLN A 106 20.85 13.66 7.68
CA GLN A 106 21.70 14.84 7.56
C GLN A 106 21.71 15.39 6.13
N SER A 107 21.63 14.52 5.13
CA SER A 107 21.60 15.01 3.76
C SER A 107 20.29 15.73 3.47
N THR A 108 19.17 15.18 3.96
CA THR A 108 17.90 15.89 3.85
C THR A 108 17.95 17.23 4.54
N HIS A 109 18.55 17.28 5.74
CA HIS A 109 18.69 18.54 6.46
C HIS A 109 19.43 19.58 5.63
N VAL A 110 20.52 19.20 4.96
CA VAL A 110 21.21 20.13 4.09
C VAL A 110 20.33 20.52 2.90
N LEU A 111 19.63 19.56 2.29
CA LEU A 111 18.80 19.89 1.12
C LEU A 111 17.65 20.83 1.49
N LEU A 112 17.15 20.74 2.72
CA LEU A 112 16.08 21.64 3.16
C LEU A 112 16.56 23.08 3.28
N SER A 113 17.85 23.29 3.47
CA SER A 113 18.43 24.61 3.64
C SER A 113 18.81 25.26 2.32
N THR A 114 18.51 24.63 1.19
CA THR A 114 18.92 25.19 -0.09
C THR A 114 18.22 26.53 -0.32
N PRO A 115 18.95 27.53 -0.84
CA PRO A 115 18.35 28.88 -1.00
C PRO A 115 17.07 28.89 -1.80
N ALA A 116 16.98 28.10 -2.86
CA ALA A 116 15.77 28.05 -3.67
C ALA A 116 14.53 27.63 -2.89
N LEU A 117 14.69 27.11 -1.66
CA LEU A 117 13.56 26.70 -0.85
C LEU A 117 13.42 27.50 0.44
N GLU A 118 14.13 28.62 0.55
CA GLU A 118 14.10 29.40 1.78
C GLU A 118 12.68 29.87 2.07
N ALA A 119 12.24 29.63 3.31
CA ALA A 119 10.90 29.98 3.80
C ALA A 119 9.78 29.29 3.03
N VAL A 120 10.09 28.24 2.25
CA VAL A 120 9.04 27.60 1.44
C VAL A 120 8.23 26.61 2.29
N PHE A 121 8.88 25.85 3.15
CA PHE A 121 8.18 24.81 3.90
C PHE A 121 7.90 25.27 5.34
N THR A 122 6.78 24.80 5.88
CA THR A 122 6.45 25.07 7.27
C THR A 122 7.36 24.27 8.19
N ASP A 123 7.33 24.63 9.47
CA ASP A 123 8.04 23.84 10.48
C ASP A 123 7.52 22.41 10.53
N LEU A 124 6.21 22.21 10.34
CA LEU A 124 5.65 20.87 10.38
C LEU A 124 6.14 20.03 9.20
N GLU A 125 6.28 20.64 8.02
CA GLU A 125 6.80 19.92 6.86
C GLU A 125 8.28 19.59 7.02
N ILE A 126 9.04 20.52 7.60
CA ILE A 126 10.45 20.25 7.88
C ILE A 126 10.55 19.09 8.87
N LEU A 127 9.75 19.13 9.94
CA LEU A 127 9.73 18.03 10.90
C LEU A 127 9.36 16.72 10.22
N ALA A 128 8.34 16.74 9.35
CA ALA A 128 7.95 15.53 8.64
C ALA A 128 9.09 15.00 7.78
N ALA A 129 9.76 15.87 7.03
CA ALA A 129 10.82 15.39 6.15
C ALA A 129 11.98 14.78 6.93
N ILE A 130 12.36 15.41 8.04
CA ILE A 130 13.48 14.91 8.83
C ILE A 130 13.10 13.64 9.57
N PHE A 131 11.90 13.59 10.15
CA PHE A 131 11.44 12.38 10.79
C PHE A 131 11.34 11.23 9.79
N ALA A 132 10.75 11.48 8.60
CA ALA A 132 10.67 10.43 7.58
C ALA A 132 12.06 9.88 7.25
N SER A 133 13.05 10.75 7.07
CA SER A 133 14.41 10.31 6.79
C SER A 133 14.97 9.45 7.92
N ALA A 134 14.68 9.80 9.17
CA ALA A 134 15.22 9.02 10.29
C ALA A 134 14.66 7.61 10.33
N ILE A 135 13.35 7.46 10.05
CA ILE A 135 12.70 6.15 10.16
C ILE A 135 12.72 5.37 8.85
N HIS A 136 13.22 5.97 7.76
CA HIS A 136 12.80 5.51 6.42
C HIS A 136 13.31 4.11 6.08
N ASP A 137 14.32 3.58 6.80
CA ASP A 137 14.79 2.22 6.56
C ASP A 137 14.79 1.38 7.84
N VAL A 138 14.03 1.75 8.88
CA VAL A 138 14.17 1.08 10.18
C VAL A 138 13.77 -0.39 10.07
N ASP A 139 14.56 -1.25 10.73
CA ASP A 139 14.33 -2.70 10.74
C ASP A 139 14.51 -3.31 9.35
N HIS A 140 15.33 -2.68 8.52
CA HIS A 140 15.65 -3.24 7.21
C HIS A 140 16.47 -4.52 7.40
N PRO A 141 16.06 -5.64 6.80
CA PRO A 141 16.79 -6.91 6.99
C PRO A 141 17.99 -7.11 6.08
N GLY A 142 18.27 -6.15 5.21
CA GLY A 142 19.40 -6.25 4.31
C GLY A 142 19.17 -7.06 3.07
N VAL A 143 17.91 -7.35 2.72
CA VAL A 143 17.54 -7.96 1.47
C VAL A 143 16.46 -7.10 0.81
N SER A 144 16.28 -7.30 -0.49
CA SER A 144 15.42 -6.43 -1.27
C SER A 144 13.94 -6.86 -1.17
N ASN A 145 13.08 -5.95 -1.64
CA ASN A 145 11.67 -6.27 -1.75
C ASN A 145 11.46 -7.52 -2.61
N GLN A 146 12.13 -7.61 -3.76
CA GLN A 146 11.91 -8.75 -4.63
C GLN A 146 12.33 -10.05 -3.95
N PHE A 147 13.45 -10.03 -3.22
CA PHE A 147 13.88 -11.21 -2.47
C PHE A 147 12.83 -11.63 -1.45
N LEU A 148 12.28 -10.66 -0.73
CA LEU A 148 11.23 -10.98 0.25
C LEU A 148 9.98 -11.52 -0.42
N ILE A 149 9.66 -11.01 -1.61
CA ILE A 149 8.50 -11.53 -2.34
C ILE A 149 8.77 -12.96 -2.81
N ASN A 150 9.93 -13.16 -3.43
CA ASN A 150 10.27 -14.43 -4.04
C ASN A 150 10.47 -15.54 -3.02
N THR A 151 10.80 -15.21 -1.78
CA THR A 151 10.98 -16.23 -0.75
C THR A 151 9.74 -16.40 0.11
N ASN A 152 8.61 -15.80 -0.26
CA ASN A 152 7.36 -15.93 0.48
C ASN A 152 7.54 -15.53 1.95
N SER A 153 8.25 -14.44 2.19
CA SER A 153 8.52 -13.97 3.53
C SER A 153 7.21 -13.55 4.21
N GLU A 154 7.22 -13.55 5.55
CA GLU A 154 6.05 -13.06 6.27
C GLU A 154 5.80 -11.58 5.98
N LEU A 155 6.86 -10.79 5.77
CA LEU A 155 6.67 -9.37 5.44
C LEU A 155 5.92 -9.21 4.13
N ALA A 156 6.32 -9.96 3.09
CA ALA A 156 5.65 -9.84 1.81
C ALA A 156 4.21 -10.32 1.89
N LEU A 157 3.97 -11.36 2.71
CA LEU A 157 2.63 -11.85 2.94
C LEU A 157 1.77 -10.80 3.66
N MET A 158 2.36 -10.10 4.63
CA MET A 158 1.63 -9.08 5.36
C MET A 158 1.25 -7.92 4.45
N TYR A 159 2.13 -7.54 3.53
CA TYR A 159 1.97 -6.33 2.73
C TYR A 159 1.60 -6.60 1.28
N ASN A 160 1.22 -7.84 0.93
CA ASN A 160 0.70 -8.14 -0.40
C ASN A 160 1.66 -7.70 -1.50
N ASP A 161 2.94 -7.92 -1.27
CA ASP A 161 4.02 -7.70 -2.23
C ASP A 161 4.16 -6.24 -2.65
N SER A 162 3.53 -5.29 -1.95
CA SER A 162 3.48 -3.90 -2.38
C SER A 162 4.26 -3.01 -1.41
N SER A 163 5.32 -2.37 -1.90
CA SER A 163 6.23 -1.57 -1.07
C SER A 163 6.45 -2.23 0.28
N VAL A 164 6.89 -3.50 0.23
CA VAL A 164 6.91 -4.35 1.42
C VAL A 164 7.79 -3.73 2.51
N LEU A 165 9.05 -3.46 2.18
CA LEU A 165 9.96 -2.89 3.17
C LEU A 165 9.48 -1.53 3.66
N GLU A 166 9.06 -0.69 2.71
CA GLU A 166 8.78 0.71 3.03
C GLU A 166 7.53 0.81 3.91
N ASN A 167 6.54 -0.05 3.67
CA ASN A 167 5.40 -0.10 4.58
C ASN A 167 5.85 -0.52 5.98
N HIS A 168 6.79 -1.47 6.03
CA HIS A 168 7.28 -1.97 7.31
C HIS A 168 8.07 -0.89 8.06
N HIS A 169 8.97 -0.17 7.37
CA HIS A 169 9.72 0.90 8.02
C HIS A 169 8.77 1.90 8.66
N LEU A 170 7.75 2.32 7.92
CA LEU A 170 6.74 3.22 8.46
C LEU A 170 6.05 2.63 9.69
N ALA A 171 5.59 1.38 9.58
CA ALA A 171 4.85 0.80 10.71
C ALA A 171 5.69 0.74 11.97
N VAL A 172 6.97 0.39 11.83
CA VAL A 172 7.88 0.33 12.98
C VAL A 172 8.17 1.73 13.50
N GLY A 173 8.45 2.68 12.59
CA GLY A 173 8.82 4.02 13.00
C GLY A 173 7.72 4.71 13.79
N PHE A 174 6.46 4.51 13.39
CA PHE A 174 5.33 5.07 14.13
C PHE A 174 5.03 4.28 15.41
N LYS A 175 5.11 2.95 15.34
CA LYS A 175 4.84 2.12 16.52
C LYS A 175 5.74 2.49 17.71
N LEU A 176 7.02 2.76 17.44
CA LEU A 176 7.96 3.02 18.54
C LEU A 176 7.63 4.32 19.27
N LEU A 177 6.86 5.23 18.67
CA LEU A 177 6.37 6.41 19.38
C LEU A 177 5.49 6.03 20.57
N GLN A 178 4.93 4.83 20.58
CA GLN A 178 4.05 4.40 21.64
C GLN A 178 4.80 3.77 22.81
N GLU A 179 6.12 3.63 22.72
CA GLU A 179 6.90 3.07 23.81
C GLU A 179 7.07 4.10 24.92
N GLU A 180 7.48 3.62 26.10
CA GLU A 180 7.52 4.49 27.28
C GLU A 180 8.41 5.71 27.08
N ASN A 181 7.81 6.90 27.20
CA ASN A 181 8.50 8.18 27.03
C ASN A 181 9.14 8.32 25.65
N CYS A 182 8.41 7.88 24.61
CA CYS A 182 8.89 7.98 23.24
C CYS A 182 8.03 8.85 22.34
N ASP A 183 6.89 9.36 22.80
CA ASP A 183 6.02 10.12 21.88
C ASP A 183 6.55 11.53 21.76
N ILE A 184 7.43 11.73 20.76
CA ILE A 184 8.03 13.04 20.56
C ILE A 184 7.02 14.04 20.00
N PHE A 185 5.87 13.55 19.50
CA PHE A 185 4.82 14.42 18.97
C PHE A 185 3.71 14.66 19.99
N GLN A 186 3.98 14.42 21.28
CA GLN A 186 2.93 14.48 22.30
C GLN A 186 2.29 15.85 22.40
N ASN A 187 3.02 16.92 22.07
CA ASN A 187 2.50 18.26 22.22
C ASN A 187 2.05 18.88 20.90
N LEU A 188 2.01 18.12 19.81
CA LEU A 188 1.39 18.61 18.59
C LEU A 188 -0.13 18.58 18.73
N THR A 189 -0.80 19.49 18.02
CA THR A 189 -2.25 19.37 17.93
C THR A 189 -2.64 18.13 17.13
N LYS A 190 -3.91 17.73 17.25
CA LYS A 190 -4.39 16.56 16.52
C LYS A 190 -4.36 16.79 15.02
N LYS A 191 -4.72 18.00 14.57
CA LYS A 191 -4.55 18.33 13.16
C LYS A 191 -3.08 18.27 12.76
N GLN A 192 -2.18 18.74 13.63
CA GLN A 192 -0.75 18.69 13.32
C GLN A 192 -0.27 17.25 13.19
N ARG A 193 -0.67 16.39 14.12
CA ARG A 193 -0.28 14.99 14.09
C ARG A 193 -0.82 14.29 12.84
N GLN A 194 -2.08 14.57 12.49
CA GLN A 194 -2.69 13.94 11.33
C GLN A 194 -1.97 14.35 10.05
N SER A 195 -1.69 15.65 9.92
CA SER A 195 -0.96 16.14 8.76
C SER A 195 0.44 15.55 8.70
N LEU A 196 1.15 15.55 9.83
CA LEU A 196 2.51 14.99 9.84
C LEU A 196 2.50 13.53 9.43
N ARG A 197 1.59 12.74 10.01
CA ARG A 197 1.52 11.32 9.72
C ARG A 197 1.33 11.08 8.23
N LYS A 198 0.38 11.79 7.60
CA LYS A 198 0.16 11.58 6.16
C LYS A 198 1.41 11.95 5.35
N MET A 199 2.07 13.06 5.70
CA MET A 199 3.22 13.48 4.92
C MET A 199 4.38 12.51 5.07
N VAL A 200 4.58 12.00 6.29
CA VAL A 200 5.64 11.02 6.54
C VAL A 200 5.38 9.75 5.74
N ILE A 201 4.13 9.25 5.76
CA ILE A 201 3.80 8.07 4.97
C ILE A 201 4.06 8.32 3.49
N ASP A 202 3.57 9.45 2.98
CA ASP A 202 3.76 9.78 1.57
C ASP A 202 5.23 9.82 1.23
N ILE A 203 6.07 10.35 2.13
CA ILE A 203 7.49 10.48 1.83
C ILE A 203 8.18 9.12 1.85
N VAL A 204 7.96 8.32 2.89
CA VAL A 204 8.69 7.05 2.99
C VAL A 204 8.27 6.09 1.88
N LEU A 205 6.98 6.08 1.52
CA LEU A 205 6.56 5.17 0.45
C LEU A 205 7.23 5.53 -0.87
N ALA A 206 7.56 6.81 -1.07
CA ALA A 206 8.27 7.23 -2.26
C ALA A 206 9.72 6.80 -2.29
N THR A 207 10.25 6.22 -1.20
CA THR A 207 11.62 5.71 -1.24
C THR A 207 11.70 4.31 -1.83
N ASP A 208 10.57 3.69 -2.14
CA ASP A 208 10.55 2.43 -2.88
C ASP A 208 11.17 2.64 -4.27
N MET A 209 12.25 1.93 -4.56
CA MET A 209 12.94 2.12 -5.84
C MET A 209 12.05 1.78 -7.01
N SER A 210 11.02 0.97 -6.82
CA SER A 210 10.14 0.66 -7.94
C SER A 210 9.30 1.87 -8.35
N LYS A 211 9.30 2.94 -7.55
CA LYS A 211 8.62 4.17 -7.89
C LYS A 211 9.56 5.21 -8.46
N HIS A 212 10.85 4.88 -8.60
CA HIS A 212 11.82 5.89 -8.99
C HIS A 212 11.46 6.54 -10.32
N MET A 213 11.17 5.72 -11.33
CA MET A 213 10.94 6.25 -12.68
C MET A 213 9.75 7.20 -12.69
N ASN A 214 8.64 6.81 -12.08
CA ASN A 214 7.47 7.69 -12.02
C ASN A 214 7.78 8.95 -11.22
N LEU A 215 8.55 8.82 -10.15
CA LEU A 215 8.90 9.99 -9.36
C LEU A 215 9.77 10.96 -10.15
N LEU A 216 10.77 10.43 -10.87
CA LEU A 216 11.63 11.30 -11.66
C LEU A 216 10.84 11.93 -12.81
N ALA A 217 9.94 11.17 -13.42
CA ALA A 217 9.09 11.72 -14.48
C ALA A 217 8.34 12.95 -13.99
N ASP A 218 7.76 12.86 -12.78
CA ASP A 218 7.01 13.99 -12.24
C ASP A 218 7.93 15.15 -11.87
N LEU A 219 9.11 14.84 -11.32
CA LEU A 219 10.05 15.91 -10.99
C LEU A 219 10.45 16.65 -12.25
N LYS A 220 10.70 15.92 -13.33
CA LYS A 220 11.03 16.54 -14.61
C LYS A 220 9.89 17.45 -15.08
N THR A 221 8.65 16.97 -15.00
CA THR A 221 7.50 17.80 -15.38
C THR A 221 7.46 19.09 -14.56
N MET A 222 7.66 18.99 -13.24
CA MET A 222 7.68 20.19 -12.41
C MET A 222 8.83 21.12 -12.79
N VAL A 223 10.01 20.58 -13.11
CA VAL A 223 11.12 21.45 -13.50
C VAL A 223 10.77 22.25 -14.76
N GLU A 224 10.14 21.59 -15.74
CA GLU A 224 9.86 22.30 -16.99
C GLU A 224 8.69 23.26 -16.86
N THR A 225 7.88 23.12 -15.82
CA THR A 225 6.77 24.04 -15.60
C THR A 225 6.97 24.83 -14.31
N LYS A 226 8.21 25.00 -13.87
CA LYS A 226 8.43 25.52 -12.53
C LYS A 226 8.10 27.00 -12.44
N LYS A 227 7.54 27.40 -11.30
CA LYS A 227 7.26 28.80 -11.03
C LYS A 227 8.04 29.23 -9.79
N VAL A 228 8.53 30.46 -9.81
CA VAL A 228 9.24 31.02 -8.67
C VAL A 228 8.50 32.25 -8.20
N THR A 229 8.80 32.66 -6.98
CA THR A 229 8.14 33.81 -6.39
C THR A 229 8.96 35.08 -6.65
N SER A 230 8.42 36.22 -6.17
CA SER A 230 9.14 37.48 -6.30
C SER A 230 10.48 37.42 -5.59
N SER A 231 10.54 36.72 -4.45
CA SER A 231 11.80 36.57 -3.73
C SER A 231 12.74 35.58 -4.39
N GLY A 232 12.29 34.86 -5.42
CA GLY A 232 13.16 33.94 -6.14
C GLY A 232 13.19 32.51 -5.63
N VAL A 233 12.30 32.14 -4.72
CA VAL A 233 12.21 30.78 -4.22
C VAL A 233 11.12 30.04 -4.99
N LEU A 234 11.09 28.72 -4.84
CA LEU A 234 10.16 27.91 -5.60
C LEU A 234 8.73 28.13 -5.12
N LEU A 235 7.80 28.22 -6.07
CA LEU A 235 6.40 28.44 -5.76
C LEU A 235 5.69 27.09 -5.70
N LEU A 236 5.25 26.70 -4.51
CA LEU A 236 4.55 25.43 -4.28
C LEU A 236 3.25 25.73 -3.53
N ASP A 237 2.13 25.80 -4.24
CA ASP A 237 0.91 26.34 -3.66
C ASP A 237 -0.17 25.29 -3.48
N ASN A 238 0.20 24.02 -3.40
CA ASN A 238 -0.79 22.97 -3.23
C ASN A 238 -0.07 21.75 -2.67
N TYR A 239 -0.84 20.86 -2.05
CA TYR A 239 -0.21 19.75 -1.35
C TYR A 239 0.57 18.87 -2.33
N SER A 240 -0.03 18.58 -3.48
CA SER A 240 0.59 17.67 -4.45
C SER A 240 1.99 18.11 -4.82
N ASP A 241 2.16 19.38 -5.19
CA ASP A 241 3.48 19.92 -5.52
C ASP A 241 4.40 19.90 -4.31
N ARG A 242 3.88 20.26 -3.14
CA ARG A 242 4.71 20.36 -1.94
C ARG A 242 5.23 18.99 -1.54
N ILE A 243 4.34 18.00 -1.46
CA ILE A 243 4.77 16.66 -1.05
C ILE A 243 5.67 16.06 -2.10
N GLN A 244 5.43 16.38 -3.38
CA GLN A 244 6.29 15.82 -4.41
C GLN A 244 7.73 16.33 -4.28
N VAL A 245 7.90 17.60 -3.90
CA VAL A 245 9.26 18.10 -3.67
C VAL A 245 9.90 17.42 -2.47
N LEU A 246 9.14 17.24 -1.39
CA LEU A 246 9.70 16.56 -0.22
C LEU A 246 9.99 15.10 -0.52
N GLN A 247 9.12 14.44 -1.30
CA GLN A 247 9.37 13.06 -1.71
C GLN A 247 10.67 12.95 -2.50
N ASN A 248 10.87 13.84 -3.48
CA ASN A 248 12.09 13.74 -4.28
C ASN A 248 13.31 14.18 -3.48
N MET A 249 13.13 15.09 -2.51
CA MET A 249 14.26 15.52 -1.70
C MET A 249 14.79 14.36 -0.88
N VAL A 250 13.91 13.65 -0.17
CA VAL A 250 14.35 12.51 0.62
C VAL A 250 14.87 11.39 -0.27
N HIS A 251 14.25 11.19 -1.45
CA HIS A 251 14.76 10.24 -2.43
C HIS A 251 16.16 10.61 -2.91
N CYS A 252 16.41 11.90 -3.20
CA CYS A 252 17.77 12.31 -3.52
C CYS A 252 18.71 12.03 -2.36
N ALA A 253 18.27 12.32 -1.13
CA ALA A 253 19.13 12.08 0.03
C ALA A 253 19.45 10.60 0.16
N ASP A 254 18.45 9.75 -0.09
CA ASP A 254 18.61 8.30 -0.06
C ASP A 254 19.61 7.83 -1.11
N LEU A 255 19.60 8.46 -2.28
CA LEU A 255 20.50 8.10 -3.38
C LEU A 255 21.66 9.08 -3.49
N SER A 256 22.18 9.57 -2.36
CA SER A 256 23.20 10.62 -2.41
C SER A 256 24.63 10.10 -2.29
N ASN A 257 24.85 8.79 -2.11
CA ASN A 257 26.22 8.32 -1.85
C ASN A 257 27.20 8.74 -2.95
N PRO A 258 26.87 8.64 -4.24
CA PRO A 258 27.86 9.01 -5.28
C PRO A 258 28.08 10.50 -5.42
N THR A 259 27.32 11.33 -4.70
CA THR A 259 27.50 12.77 -4.75
C THR A 259 28.39 13.28 -3.61
N LYS A 260 28.80 12.41 -2.70
CA LYS A 260 29.61 12.77 -1.56
C LYS A 260 31.09 12.69 -1.90
N PRO A 261 31.95 13.31 -1.08
CA PRO A 261 33.40 13.13 -1.24
C PRO A 261 33.78 11.66 -1.35
N LEU A 262 34.74 11.39 -2.25
CA LEU A 262 35.03 10.02 -2.67
C LEU A 262 35.33 9.08 -1.52
N GLN A 263 35.98 9.58 -0.47
CA GLN A 263 36.33 8.67 0.62
C GLN A 263 35.10 8.20 1.39
N LEU A 264 34.00 8.98 1.34
CA LEU A 264 32.72 8.53 1.88
C LEU A 264 32.01 7.61 0.90
N TYR A 265 31.96 8.02 -0.36
CA TYR A 265 31.30 7.24 -1.41
C TYR A 265 31.87 5.82 -1.47
N ARG A 266 33.20 5.68 -1.45
CA ARG A 266 33.76 4.34 -1.60
C ARG A 266 33.38 3.43 -0.43
N GLN A 267 33.26 3.98 0.78
CA GLN A 267 32.80 3.17 1.90
C GLN A 267 31.35 2.72 1.71
N TRP A 268 30.50 3.60 1.18
CA TRP A 268 29.13 3.18 0.91
C TRP A 268 29.08 2.08 -0.15
N THR A 269 29.90 2.19 -1.18
CA THR A 269 29.98 1.15 -2.20
C THR A 269 30.41 -0.18 -1.60
N ASP A 270 31.45 -0.15 -0.74
CA ASP A 270 31.86 -1.36 -0.04
C ASP A 270 30.70 -1.97 0.73
N ARG A 271 29.88 -1.13 1.38
CA ARG A 271 28.83 -1.67 2.25
C ARG A 271 27.66 -2.23 1.44
N ILE A 272 27.25 -1.52 0.38
CA ILE A 272 26.12 -2.04 -0.41
C ILE A 272 26.53 -3.32 -1.13
N MET A 273 27.79 -3.42 -1.57
CA MET A 273 28.21 -4.64 -2.24
C MET A 273 28.25 -5.82 -1.27
N GLU A 274 28.70 -5.57 -0.04
CA GLU A 274 28.63 -6.59 0.99
C GLU A 274 27.20 -7.08 1.17
N GLU A 275 26.24 -6.16 1.30
CA GLU A 275 24.84 -6.53 1.44
C GLU A 275 24.32 -7.30 0.23
N PHE A 276 24.62 -6.80 -0.98
CA PHE A 276 24.21 -7.46 -2.22
C PHE A 276 24.78 -8.87 -2.29
N PHE A 277 26.09 -9.01 -2.03
CA PHE A 277 26.72 -10.32 -2.12
C PHE A 277 26.11 -11.30 -1.12
N ARG A 278 25.78 -10.83 0.08
CA ARG A 278 25.14 -11.72 1.06
C ARG A 278 23.75 -12.15 0.59
N GLN A 279 22.98 -11.25 -0.02
CA GLN A 279 21.72 -11.68 -0.61
C GLN A 279 21.96 -12.67 -1.73
N GLY A 280 22.95 -12.40 -2.59
CA GLY A 280 23.24 -13.34 -3.67
C GLY A 280 23.64 -14.72 -3.17
N ASP A 281 24.37 -14.77 -2.06
CA ASP A 281 24.73 -16.06 -1.46
C ASP A 281 23.49 -16.82 -1.02
N ARG A 282 22.49 -16.12 -0.48
CA ARG A 282 21.26 -16.79 -0.08
C ARG A 282 20.40 -17.16 -1.29
N GLU A 283 20.41 -16.32 -2.33
CA GLU A 283 19.71 -16.69 -3.57
C GLU A 283 20.35 -17.91 -4.21
N ARG A 284 21.68 -18.01 -4.14
CA ARG A 284 22.38 -19.14 -4.72
C ARG A 284 22.07 -20.43 -3.96
N GLU A 285 22.24 -20.40 -2.64
CA GLU A 285 21.93 -21.54 -1.80
C GLU A 285 20.48 -22.00 -1.95
N ARG A 286 19.61 -21.18 -2.53
CA ARG A 286 18.22 -21.53 -2.73
C ARG A 286 17.91 -21.94 -4.17
N GLY A 287 18.92 -22.03 -5.02
CA GLY A 287 18.64 -22.32 -6.41
C GLY A 287 17.93 -21.22 -7.17
N MET A 288 17.76 -20.04 -6.57
CA MET A 288 17.16 -18.92 -7.28
C MET A 288 18.16 -18.29 -8.23
N GLU A 289 17.64 -17.69 -9.31
CA GLU A 289 18.46 -16.79 -10.10
C GLU A 289 18.99 -15.68 -9.20
N ILE A 290 20.30 -15.42 -9.28
CA ILE A 290 20.91 -14.40 -8.43
C ILE A 290 20.53 -13.01 -8.94
N SER A 291 20.19 -12.11 -8.01
CA SER A 291 19.78 -10.78 -8.41
C SER A 291 20.95 -10.03 -9.05
N PRO A 292 20.66 -9.07 -9.93
CA PRO A 292 21.74 -8.28 -10.53
C PRO A 292 22.62 -7.64 -9.46
N MET A 293 23.93 -7.62 -9.72
CA MET A 293 24.97 -7.07 -8.86
C MET A 293 25.17 -7.86 -7.57
N CYS A 294 24.53 -9.00 -7.41
CA CYS A 294 24.58 -9.75 -6.17
C CYS A 294 25.44 -11.01 -6.23
N ASP A 295 26.01 -11.33 -7.39
CA ASP A 295 26.81 -12.55 -7.54
C ASP A 295 28.28 -12.18 -7.34
N LYS A 296 28.86 -12.61 -6.21
CA LYS A 296 30.23 -12.22 -5.93
C LYS A 296 31.21 -12.90 -6.88
N HIS A 297 30.78 -13.94 -7.59
CA HIS A 297 31.65 -14.61 -8.56
C HIS A 297 31.60 -13.98 -9.94
N ASN A 298 30.61 -13.15 -10.22
CA ASN A 298 30.46 -12.54 -11.53
C ASN A 298 29.95 -11.11 -11.38
N ALA A 299 30.59 -10.35 -10.49
CA ALA A 299 30.23 -8.96 -10.29
C ALA A 299 31.38 -8.05 -10.72
N SER A 300 31.02 -6.89 -11.25
CA SER A 300 31.97 -5.81 -11.47
C SER A 300 31.50 -4.62 -10.65
N VAL A 301 32.17 -4.39 -9.51
CA VAL A 301 31.78 -3.29 -8.62
C VAL A 301 31.87 -1.96 -9.34
N GLU A 302 32.94 -1.76 -10.11
CA GLU A 302 33.19 -0.47 -10.75
C GLU A 302 32.18 -0.19 -11.84
N LYS A 303 31.95 -1.16 -12.73
CA LYS A 303 30.97 -0.95 -13.80
C LYS A 303 29.56 -0.80 -13.24
N SER A 304 29.29 -1.43 -12.11
CA SER A 304 27.97 -1.30 -11.49
C SER A 304 27.75 0.11 -10.96
N GLN A 305 28.79 0.71 -10.38
CA GLN A 305 28.68 2.10 -9.94
C GLN A 305 28.49 3.04 -11.13
N VAL A 306 29.24 2.82 -12.21
CA VAL A 306 29.09 3.71 -13.37
C VAL A 306 27.68 3.61 -13.92
N GLY A 307 27.12 2.39 -13.97
CA GLY A 307 25.77 2.23 -14.46
C GLY A 307 24.73 2.78 -13.50
N PHE A 308 24.97 2.62 -12.21
CA PHE A 308 24.11 3.21 -11.17
C PHE A 308 24.05 4.72 -11.32
N ILE A 309 25.22 5.36 -11.50
CA ILE A 309 25.22 6.82 -11.67
C ILE A 309 24.56 7.20 -12.98
N ASP A 310 24.88 6.49 -14.05
CA ASP A 310 24.45 6.88 -15.39
C ASP A 310 22.94 6.72 -15.58
N TYR A 311 22.35 5.65 -15.04
CA TYR A 311 20.95 5.38 -15.28
C TYR A 311 20.03 5.80 -14.14
N ILE A 312 20.56 6.02 -12.93
CA ILE A 312 19.68 6.34 -11.80
C ILE A 312 20.08 7.66 -11.16
N VAL A 313 21.34 7.76 -10.69
CA VAL A 313 21.69 8.82 -9.76
C VAL A 313 21.94 10.14 -10.48
N HIS A 314 22.63 10.11 -11.63
CA HIS A 314 22.83 11.39 -12.32
C HIS A 314 21.52 11.90 -12.92
N PRO A 315 20.70 11.08 -13.60
CA PRO A 315 19.40 11.60 -14.05
C PRO A 315 18.59 12.23 -12.95
N LEU A 316 18.63 11.67 -11.75
CA LEU A 316 17.86 12.23 -10.65
C LEU A 316 18.47 13.54 -10.16
N TRP A 317 19.78 13.53 -9.90
CA TRP A 317 20.41 14.71 -9.32
C TRP A 317 20.55 15.83 -10.34
N GLU A 318 20.69 15.49 -11.62
CA GLU A 318 20.65 16.51 -12.67
C GLU A 318 19.32 17.25 -12.64
N THR A 319 18.22 16.51 -12.42
CA THR A 319 16.89 17.11 -12.38
C THR A 319 16.68 17.92 -11.11
N TRP A 320 17.06 17.35 -9.94
CA TRP A 320 17.02 18.14 -8.72
C TRP A 320 17.81 19.44 -8.89
N ALA A 321 19.03 19.34 -9.44
CA ALA A 321 19.85 20.53 -9.64
C ALA A 321 19.13 21.56 -10.51
N ASP A 322 18.38 21.10 -11.52
CA ASP A 322 17.62 22.03 -12.36
C ASP A 322 16.51 22.70 -11.54
N LEU A 323 15.82 21.92 -10.69
CA LEU A 323 14.76 22.48 -9.84
C LEU A 323 15.27 23.61 -8.95
N VAL A 324 16.44 23.44 -8.35
CA VAL A 324 16.96 24.41 -7.39
C VAL A 324 18.10 25.24 -7.99
N HIS A 325 18.23 25.28 -9.31
CA HIS A 325 19.41 25.86 -9.95
C HIS A 325 19.71 27.25 -9.41
N PRO A 326 20.98 27.58 -9.11
CA PRO A 326 22.17 26.74 -9.25
C PRO A 326 22.64 26.18 -7.91
N ASP A 327 21.73 26.08 -6.94
CA ASP A 327 22.09 25.73 -5.57
C ASP A 327 22.88 24.43 -5.49
N ALA A 328 22.61 23.46 -6.36
CA ALA A 328 23.19 22.12 -6.24
C ALA A 328 24.34 21.87 -7.21
N GLN A 329 24.91 22.93 -7.79
CA GLN A 329 25.94 22.71 -8.80
C GLN A 329 27.19 22.04 -8.21
N ASP A 330 27.55 22.35 -6.97
CA ASP A 330 28.75 21.75 -6.39
C ASP A 330 28.54 20.26 -6.14
N ILE A 331 27.33 19.88 -5.72
CA ILE A 331 27.01 18.46 -5.52
C ILE A 331 27.00 17.73 -6.85
N LEU A 332 26.39 18.33 -7.87
CA LEU A 332 26.37 17.71 -9.19
C LEU A 332 27.78 17.53 -9.72
N ASP A 333 28.64 18.53 -9.51
CA ASP A 333 30.03 18.44 -9.96
C ASP A 333 30.78 17.31 -9.25
N THR A 334 30.57 17.15 -7.95
CA THR A 334 31.19 16.03 -7.24
C THR A 334 30.73 14.71 -7.81
N LEU A 335 29.42 14.59 -8.04
CA LEU A 335 28.89 13.38 -8.65
C LEU A 335 29.58 13.08 -9.97
N GLU A 336 29.75 14.10 -10.81
CA GLU A 336 30.37 13.87 -12.11
C GLU A 336 31.84 13.52 -11.97
N ASP A 337 32.56 14.17 -11.05
CA ASP A 337 33.94 13.77 -10.79
C ASP A 337 34.03 12.31 -10.36
N ASN A 338 33.14 11.88 -9.47
CA ASN A 338 33.22 10.54 -8.93
C ASN A 338 32.88 9.50 -9.99
N ARG A 339 31.95 9.84 -10.89
CA ARG A 339 31.65 8.96 -12.01
C ARG A 339 32.87 8.81 -12.92
N GLU A 340 33.52 9.92 -13.24
CA GLU A 340 34.76 9.84 -14.01
C GLU A 340 35.79 8.97 -13.29
N TRP A 341 35.91 9.13 -11.97
CA TRP A 341 36.88 8.33 -11.23
C TRP A 341 36.55 6.85 -11.29
N TYR A 342 35.32 6.46 -10.97
CA TYR A 342 34.98 5.03 -11.06
C TYR A 342 35.16 4.51 -12.48
N GLN A 343 34.82 5.32 -13.48
CA GLN A 343 35.03 4.91 -14.87
C GLN A 343 36.51 4.70 -15.16
N SER A 344 37.36 5.60 -14.63
CA SER A 344 38.80 5.52 -14.89
C SER A 344 39.43 4.24 -14.35
N THR A 345 38.79 3.58 -13.38
CA THR A 345 39.32 2.34 -12.83
C THR A 345 38.90 1.12 -13.62
N ILE A 346 38.07 1.29 -14.64
CA ILE A 346 37.62 0.14 -15.43
C ILE A 346 38.72 -0.29 -16.41
N PRO A 347 39.22 0.59 -17.30
CA PRO A 347 40.16 0.10 -18.34
C PRO A 347 41.51 -0.34 -17.79
N VAL B 27 -33.08 -30.50 -1.38
CA VAL B 27 -33.07 -29.88 -0.05
C VAL B 27 -32.13 -28.66 -0.15
N LEU B 28 -30.98 -28.71 0.53
CA LEU B 28 -29.91 -27.77 0.20
C LEU B 28 -29.48 -27.96 -1.25
N ALA B 29 -29.44 -29.22 -1.71
CA ALA B 29 -29.18 -29.50 -3.11
C ALA B 29 -30.19 -28.81 -4.02
N LYS B 30 -31.44 -28.68 -3.57
CA LYS B 30 -32.46 -28.06 -4.40
C LYS B 30 -32.11 -26.61 -4.72
N GLU B 31 -31.81 -25.82 -3.69
CA GLU B 31 -31.55 -24.40 -3.91
C GLU B 31 -30.24 -24.17 -4.65
N LEU B 32 -29.25 -25.04 -4.44
CA LEU B 32 -27.95 -24.88 -5.08
C LEU B 32 -28.01 -24.98 -6.60
N GLU B 33 -29.07 -25.58 -7.15
CA GLU B 33 -29.20 -25.65 -8.60
C GLU B 33 -29.41 -24.28 -9.23
N ASP B 34 -29.84 -23.29 -8.45
CA ASP B 34 -29.95 -21.92 -8.93
C ASP B 34 -28.61 -21.17 -8.90
N VAL B 35 -27.50 -21.88 -8.63
CA VAL B 35 -26.20 -21.22 -8.46
C VAL B 35 -25.82 -20.38 -9.68
N ASN B 36 -26.33 -20.72 -10.86
CA ASN B 36 -26.05 -19.89 -12.02
C ASN B 36 -27.06 -18.76 -12.20
N LYS B 37 -27.90 -18.48 -11.20
CA LYS B 37 -28.98 -17.52 -11.33
C LYS B 37 -28.78 -16.31 -10.41
N TRP B 38 -28.97 -15.12 -10.96
CA TRP B 38 -29.03 -13.91 -10.16
C TRP B 38 -30.23 -13.99 -9.23
N GLY B 39 -29.98 -13.86 -7.93
CA GLY B 39 -31.04 -13.97 -6.96
C GLY B 39 -31.14 -15.31 -6.29
N LEU B 40 -30.08 -16.12 -6.33
CA LEU B 40 -29.93 -17.30 -5.47
C LEU B 40 -30.42 -17.01 -4.06
N HIS B 41 -31.00 -18.01 -3.38
CA HIS B 41 -31.50 -17.85 -2.01
C HIS B 41 -30.36 -18.12 -1.04
N VAL B 42 -29.46 -17.14 -0.92
CA VAL B 42 -28.23 -17.36 -0.16
C VAL B 42 -28.50 -17.47 1.33
N PHE B 43 -29.52 -16.77 1.84
CA PHE B 43 -29.83 -16.88 3.26
C PHE B 43 -30.41 -18.24 3.58
N ARG B 44 -31.27 -18.76 2.70
CA ARG B 44 -31.76 -20.13 2.88
C ARG B 44 -30.60 -21.12 2.82
N ILE B 45 -29.72 -20.97 1.83
CA ILE B 45 -28.57 -21.85 1.74
C ILE B 45 -27.70 -21.75 2.99
N ALA B 46 -27.50 -20.51 3.48
CA ALA B 46 -26.73 -20.32 4.72
C ALA B 46 -27.35 -21.06 5.88
N GLU B 47 -28.69 -21.04 5.97
CA GLU B 47 -29.37 -21.72 7.05
C GLU B 47 -29.36 -23.23 6.85
N LEU B 48 -29.66 -23.69 5.63
CA LEU B 48 -29.72 -25.12 5.38
C LEU B 48 -28.35 -25.78 5.48
N SER B 49 -27.27 -25.04 5.26
CA SER B 49 -25.93 -25.60 5.26
C SER B 49 -25.26 -25.57 6.62
N GLY B 50 -25.98 -25.26 7.69
CA GLY B 50 -25.35 -25.15 8.99
C GLY B 50 -24.41 -23.96 9.10
N ASN B 51 -24.75 -22.84 8.47
CA ASN B 51 -23.93 -21.63 8.45
C ASN B 51 -22.59 -21.88 7.75
N ARG B 52 -22.66 -22.59 6.62
CA ARG B 52 -21.50 -22.74 5.74
C ARG B 52 -21.86 -22.38 4.30
N PRO B 53 -22.48 -21.21 4.08
CA PRO B 53 -22.78 -20.84 2.69
C PRO B 53 -21.53 -20.65 1.86
N LEU B 54 -20.48 -20.07 2.42
CA LEU B 54 -19.28 -19.82 1.64
C LEU B 54 -18.69 -21.14 1.12
N THR B 55 -18.57 -22.14 2.00
CA THR B 55 -18.04 -23.44 1.61
C THR B 55 -18.87 -24.09 0.51
N VAL B 56 -20.16 -24.32 0.77
CA VAL B 56 -20.94 -25.10 -0.17
C VAL B 56 -21.13 -24.36 -1.49
N ILE B 57 -21.16 -23.02 -1.45
CA ILE B 57 -21.33 -22.27 -2.69
C ILE B 57 -20.01 -22.23 -3.48
N MET B 58 -18.88 -22.12 -2.77
CA MET B 58 -17.59 -22.18 -3.44
C MET B 58 -17.34 -23.55 -4.02
N HIS B 59 -17.60 -24.60 -3.24
CA HIS B 59 -17.50 -25.97 -3.74
C HIS B 59 -18.35 -26.16 -4.98
N THR B 60 -19.63 -25.77 -4.92
CA THR B 60 -20.52 -25.96 -6.06
C THR B 60 -20.01 -25.20 -7.28
N ILE B 61 -19.47 -24.00 -7.08
CA ILE B 61 -19.05 -23.19 -8.22
C ILE B 61 -17.80 -23.78 -8.85
N PHE B 62 -16.91 -24.34 -8.04
CA PHE B 62 -15.70 -24.95 -8.58
C PHE B 62 -16.05 -26.14 -9.46
N GLN B 63 -17.01 -26.96 -9.04
CA GLN B 63 -17.47 -28.08 -9.87
C GLN B 63 -18.12 -27.57 -11.15
N GLU B 64 -19.02 -26.59 -11.03
CA GLU B 64 -19.71 -26.05 -12.20
C GLU B 64 -18.75 -25.54 -13.27
N ARG B 65 -17.59 -25.01 -12.87
CA ARG B 65 -16.64 -24.47 -13.81
C ARG B 65 -15.50 -25.43 -14.12
N ASP B 66 -15.48 -26.60 -13.48
CA ASP B 66 -14.44 -27.61 -13.71
C ASP B 66 -13.09 -27.16 -13.18
N LEU B 67 -13.08 -26.50 -12.01
CA LEU B 67 -11.85 -25.91 -11.49
C LEU B 67 -11.00 -26.91 -10.72
N LEU B 68 -11.61 -27.92 -10.11
CA LEU B 68 -10.84 -28.88 -9.34
C LEU B 68 -9.96 -29.75 -10.23
N LYS B 69 -10.36 -29.97 -11.47
CA LYS B 69 -9.57 -30.75 -12.41
C LYS B 69 -8.72 -29.88 -13.32
N THR B 70 -9.22 -28.71 -13.70
CA THR B 70 -8.39 -27.78 -14.46
C THR B 70 -7.11 -27.44 -13.72
N PHE B 71 -7.16 -27.42 -12.39
CA PHE B 71 -6.01 -27.01 -11.58
C PHE B 71 -5.57 -28.07 -10.58
N LYS B 72 -6.03 -29.31 -10.73
CA LYS B 72 -5.58 -30.42 -9.90
C LYS B 72 -5.67 -30.12 -8.41
N ILE B 73 -6.84 -29.63 -7.98
CA ILE B 73 -7.08 -29.27 -6.60
C ILE B 73 -7.69 -30.48 -5.89
N PRO B 74 -7.05 -31.02 -4.85
CA PRO B 74 -7.66 -32.13 -4.10
C PRO B 74 -8.92 -31.64 -3.40
N VAL B 75 -10.05 -32.31 -3.67
CA VAL B 75 -11.35 -31.83 -3.19
C VAL B 75 -11.35 -31.69 -1.67
N ASP B 76 -10.62 -32.55 -0.96
CA ASP B 76 -10.53 -32.42 0.50
C ASP B 76 -9.73 -31.19 0.89
N THR B 77 -8.67 -30.88 0.12
CA THR B 77 -7.92 -29.64 0.38
C THR B 77 -8.80 -28.43 0.13
N LEU B 78 -9.61 -28.45 -0.93
CA LEU B 78 -10.57 -27.39 -1.16
C LEU B 78 -11.47 -27.19 0.05
N ILE B 79 -11.98 -28.30 0.62
CA ILE B 79 -12.95 -28.19 1.70
C ILE B 79 -12.28 -27.67 2.97
N THR B 80 -11.08 -28.20 3.29
CA THR B 80 -10.39 -27.81 4.50
C THR B 80 -10.04 -26.32 4.48
N TYR B 81 -9.64 -25.80 3.32
CA TYR B 81 -9.35 -24.37 3.22
C TYR B 81 -10.61 -23.55 3.35
N LEU B 82 -11.65 -23.90 2.58
CA LEU B 82 -12.88 -23.14 2.60
C LEU B 82 -13.50 -23.08 3.98
N MET B 83 -13.35 -24.14 4.76
CA MET B 83 -13.90 -24.14 6.11
C MET B 83 -13.11 -23.19 7.01
N THR B 84 -11.77 -23.29 6.96
CA THR B 84 -10.90 -22.39 7.73
C THR B 84 -11.14 -20.93 7.35
N LEU B 85 -11.26 -20.66 6.05
CA LEU B 85 -11.56 -19.32 5.57
C LEU B 85 -12.89 -18.83 6.12
N GLU B 86 -13.94 -19.65 5.99
CA GLU B 86 -15.26 -19.28 6.51
C GLU B 86 -15.19 -19.02 8.01
N ASP B 87 -14.41 -19.81 8.75
CA ASP B 87 -14.25 -19.60 10.18
C ASP B 87 -13.64 -18.25 10.52
N HIS B 88 -12.92 -17.64 9.57
CA HIS B 88 -12.27 -16.39 9.88
C HIS B 88 -13.12 -15.18 9.50
N TYR B 89 -14.32 -15.42 8.99
CA TYR B 89 -15.34 -14.38 8.96
C TYR B 89 -16.05 -14.36 10.32
N HIS B 90 -16.36 -13.16 10.82
CA HIS B 90 -16.89 -13.01 12.17
C HIS B 90 -18.39 -13.31 12.19
N ALA B 91 -18.80 -14.27 13.01
CA ALA B 91 -20.21 -14.58 13.06
C ALA B 91 -21.04 -13.51 13.75
N ASP B 92 -20.41 -12.62 14.53
CA ASP B 92 -21.13 -11.59 15.26
C ASP B 92 -21.10 -10.24 14.54
N VAL B 93 -20.79 -10.24 13.26
CA VAL B 93 -20.82 -9.03 12.43
C VAL B 93 -21.99 -9.20 11.46
N ALA B 94 -22.90 -8.22 11.44
CA ALA B 94 -24.21 -8.45 10.82
C ALA B 94 -24.15 -8.50 9.30
N TYR B 95 -23.24 -7.75 8.67
CA TYR B 95 -23.20 -7.71 7.22
C TYR B 95 -21.94 -8.37 6.67
N HIS B 96 -20.76 -7.91 7.10
CA HIS B 96 -19.49 -8.34 6.52
C HIS B 96 -19.07 -9.68 7.14
N ASN B 97 -19.88 -10.70 6.85
CA ASN B 97 -19.65 -12.04 7.38
C ASN B 97 -19.57 -13.02 6.22
N ASN B 98 -19.60 -14.30 6.55
CA ASN B 98 -19.49 -15.35 5.54
C ASN B 98 -20.67 -15.42 4.57
N ILE B 99 -21.86 -14.94 4.95
CA ILE B 99 -22.96 -14.94 3.98
C ILE B 99 -22.69 -13.90 2.91
N HIS B 100 -22.13 -12.76 3.31
CA HIS B 100 -21.78 -11.74 2.33
C HIS B 100 -20.71 -12.28 1.38
N ALA B 101 -19.69 -12.95 1.94
CA ALA B 101 -18.64 -13.54 1.10
C ALA B 101 -19.22 -14.54 0.09
N ALA B 102 -20.13 -15.39 0.56
CA ALA B 102 -20.82 -16.32 -0.35
C ALA B 102 -21.57 -15.57 -1.43
N ASP B 103 -22.27 -14.50 -1.06
CA ASP B 103 -23.07 -13.76 -2.03
C ASP B 103 -22.18 -13.13 -3.10
N VAL B 104 -21.04 -12.56 -2.73
CA VAL B 104 -20.18 -11.91 -3.72
C VAL B 104 -19.54 -12.95 -4.64
N VAL B 105 -19.12 -14.09 -4.07
CA VAL B 105 -18.61 -15.21 -4.85
C VAL B 105 -19.63 -15.60 -5.92
N GLN B 106 -20.88 -15.83 -5.52
CA GLN B 106 -21.86 -16.31 -6.47
C GLN B 106 -22.25 -15.22 -7.45
N SER B 107 -22.27 -13.97 -7.01
CA SER B 107 -22.58 -12.88 -7.93
C SER B 107 -21.51 -12.74 -9.00
N THR B 108 -20.23 -12.75 -8.59
CA THR B 108 -19.12 -12.73 -9.54
C THR B 108 -19.20 -13.89 -10.52
N HIS B 109 -19.42 -15.09 -9.99
CA HIS B 109 -19.61 -16.28 -10.81
C HIS B 109 -20.62 -16.03 -11.94
N VAL B 110 -21.75 -15.40 -11.62
CA VAL B 110 -22.75 -15.14 -12.64
C VAL B 110 -22.23 -14.10 -13.63
N LEU B 111 -21.58 -13.06 -13.13
CA LEU B 111 -21.11 -12.00 -14.01
C LEU B 111 -20.03 -12.51 -14.94
N LEU B 112 -19.29 -13.54 -14.52
CA LEU B 112 -18.27 -14.13 -15.37
C LEU B 112 -18.90 -14.79 -16.60
N SER B 113 -20.18 -15.12 -16.53
CA SER B 113 -20.89 -15.77 -17.62
C SER B 113 -21.72 -14.79 -18.44
N THR B 114 -21.55 -13.50 -18.24
CA THR B 114 -22.14 -12.51 -19.12
C THR B 114 -21.83 -12.87 -20.58
N PRO B 115 -22.82 -12.89 -21.48
CA PRO B 115 -22.51 -13.22 -22.89
C PRO B 115 -21.45 -12.32 -23.49
N ALA B 116 -21.52 -11.00 -23.25
CA ALA B 116 -20.55 -10.07 -23.83
C ALA B 116 -19.11 -10.37 -23.41
N LEU B 117 -18.91 -11.32 -22.48
CA LEU B 117 -17.60 -11.69 -21.98
C LEU B 117 -17.33 -13.17 -22.20
N GLU B 118 -17.80 -13.69 -23.34
CA GLU B 118 -17.64 -15.11 -23.66
C GLU B 118 -16.17 -15.53 -23.62
N ALA B 119 -15.84 -16.41 -22.67
CA ALA B 119 -14.48 -16.90 -22.43
C ALA B 119 -13.40 -15.83 -22.63
N VAL B 120 -13.72 -14.56 -22.34
CA VAL B 120 -12.77 -13.46 -22.51
C VAL B 120 -11.61 -13.60 -21.53
N PHE B 121 -11.86 -14.18 -20.37
CA PHE B 121 -10.84 -14.39 -19.36
C PHE B 121 -10.39 -15.84 -19.38
N THR B 122 -9.11 -16.05 -19.06
CA THR B 122 -8.54 -17.38 -18.97
C THR B 122 -9.04 -18.09 -17.72
N ASP B 123 -8.80 -19.41 -17.67
CA ASP B 123 -9.19 -20.19 -16.49
C ASP B 123 -8.48 -19.73 -15.23
N LEU B 124 -7.28 -19.15 -15.37
CA LEU B 124 -6.60 -18.61 -14.21
C LEU B 124 -7.22 -17.28 -13.78
N GLU B 125 -7.59 -16.45 -14.75
CA GLU B 125 -8.27 -15.19 -14.44
C GLU B 125 -9.64 -15.44 -13.84
N ILE B 126 -10.31 -16.53 -14.27
CA ILE B 126 -11.56 -16.94 -13.66
C ILE B 126 -11.34 -17.38 -12.22
N LEU B 127 -10.37 -18.28 -12.01
CA LEU B 127 -10.03 -18.73 -10.65
C LEU B 127 -9.65 -17.55 -9.76
N ALA B 128 -8.93 -16.57 -10.29
CA ALA B 128 -8.48 -15.45 -9.46
C ALA B 128 -9.67 -14.58 -9.03
N ALA B 129 -10.60 -14.32 -9.93
CA ALA B 129 -11.77 -13.52 -9.59
C ALA B 129 -12.66 -14.21 -8.55
N ILE B 130 -12.77 -15.55 -8.63
CA ILE B 130 -13.62 -16.29 -7.71
C ILE B 130 -12.96 -16.38 -6.34
N PHE B 131 -11.66 -16.71 -6.33
CA PHE B 131 -10.92 -16.76 -5.08
C PHE B 131 -10.87 -15.39 -4.41
N ALA B 132 -10.64 -14.33 -5.20
CA ALA B 132 -10.64 -12.97 -4.65
C ALA B 132 -11.97 -12.65 -3.98
N SER B 133 -13.09 -12.95 -4.67
CA SER B 133 -14.42 -12.77 -4.09
C SER B 133 -14.57 -13.48 -2.74
N ALA B 134 -14.06 -14.72 -2.63
CA ALA B 134 -14.25 -15.51 -1.42
C ALA B 134 -13.48 -14.96 -0.23
N ILE B 135 -12.29 -14.39 -0.45
CA ILE B 135 -11.50 -13.87 0.66
C ILE B 135 -11.67 -12.38 0.86
N HIS B 136 -12.47 -11.71 0.02
CA HIS B 136 -12.31 -10.26 -0.10
C HIS B 136 -12.69 -9.49 1.15
N ASP B 137 -13.42 -10.10 2.12
CA ASP B 137 -13.75 -9.41 3.37
C ASP B 137 -13.37 -10.24 4.60
N VAL B 138 -12.44 -11.18 4.49
CA VAL B 138 -12.21 -12.11 5.60
C VAL B 138 -11.63 -11.37 6.81
N ASP B 139 -12.09 -11.75 8.01
CA ASP B 139 -11.69 -11.16 9.28
C ASP B 139 -12.11 -9.70 9.39
N HIS B 140 -13.21 -9.35 8.75
CA HIS B 140 -13.71 -8.00 8.82
C HIS B 140 -14.25 -7.72 10.23
N PRO B 141 -13.82 -6.65 10.90
CA PRO B 141 -14.29 -6.37 12.25
C PRO B 141 -15.63 -5.65 12.31
N GLY B 142 -16.26 -5.32 11.17
CA GLY B 142 -17.53 -4.63 11.20
C GLY B 142 -17.46 -3.13 11.36
N VAL B 143 -16.28 -2.53 11.19
CA VAL B 143 -16.10 -1.09 11.22
C VAL B 143 -15.32 -0.65 9.99
N SER B 144 -15.46 0.62 9.66
CA SER B 144 -14.92 1.15 8.42
C SER B 144 -13.41 1.41 8.53
N ASN B 145 -12.78 1.56 7.37
CA ASN B 145 -11.39 2.00 7.31
C ASN B 145 -11.20 3.29 8.08
N GLN B 146 -12.07 4.27 7.85
CA GLN B 146 -11.95 5.56 8.53
C GLN B 146 -12.01 5.41 10.05
N PHE B 147 -12.91 4.55 10.55
CA PHE B 147 -12.96 4.28 11.98
C PHE B 147 -11.65 3.70 12.49
N LEU B 148 -11.09 2.73 11.75
CA LEU B 148 -9.83 2.11 12.17
C LEU B 148 -8.69 3.12 12.17
N ILE B 149 -8.70 4.05 11.23
CA ILE B 149 -7.69 5.11 11.17
C ILE B 149 -7.85 6.06 12.36
N ASN B 150 -9.08 6.55 12.58
CA ASN B 150 -9.31 7.58 13.58
C ASN B 150 -9.18 7.07 15.01
N THR B 151 -9.29 5.77 15.23
CA THR B 151 -9.10 5.21 16.55
C THR B 151 -7.68 4.72 16.78
N ASN B 152 -6.76 4.99 15.86
CA ASN B 152 -5.37 4.56 15.97
C ASN B 152 -5.28 3.06 16.20
N SER B 153 -6.08 2.31 15.42
CA SER B 153 -6.09 0.86 15.51
C SER B 153 -4.73 0.27 15.12
N GLU B 154 -4.49 -0.95 15.59
CA GLU B 154 -3.32 -1.71 15.18
C GLU B 154 -3.33 -1.99 13.68
N LEU B 155 -4.52 -2.23 13.11
CA LEU B 155 -4.61 -2.47 11.67
C LEU B 155 -4.14 -1.25 10.88
N ALA B 156 -4.60 -0.06 11.26
CA ALA B 156 -4.21 1.15 10.53
C ALA B 156 -2.74 1.48 10.76
N LEU B 157 -2.21 1.21 11.96
CA LEU B 157 -0.77 1.39 12.16
C LEU B 157 0.03 0.44 11.27
N MET B 158 -0.43 -0.82 11.15
CA MET B 158 0.26 -1.79 10.31
C MET B 158 0.26 -1.35 8.84
N TYR B 159 -0.86 -0.83 8.35
CA TYR B 159 -1.05 -0.63 6.92
C TYR B 159 -0.98 0.84 6.51
N ASN B 160 -0.53 1.72 7.41
CA ASN B 160 -0.26 3.12 7.06
C ASN B 160 -1.50 3.79 6.46
N ASP B 161 -2.65 3.53 7.07
CA ASP B 161 -3.92 4.18 6.76
C ASP B 161 -4.38 3.92 5.33
N SER B 162 -3.75 3.02 4.60
CA SER B 162 -4.00 2.85 3.16
C SER B 162 -4.69 1.51 2.91
N SER B 163 -5.94 1.55 2.44
CA SER B 163 -6.75 0.35 2.18
C SER B 163 -6.56 -0.67 3.32
N VAL B 164 -6.79 -0.20 4.54
CA VAL B 164 -6.39 -0.95 5.74
C VAL B 164 -7.07 -2.30 5.77
N LEU B 165 -8.40 -2.29 5.66
CA LEU B 165 -9.18 -3.53 5.69
C LEU B 165 -8.78 -4.46 4.55
N GLU B 166 -8.70 -3.91 3.34
CA GLU B 166 -8.51 -4.75 2.16
C GLU B 166 -7.11 -5.39 2.14
N ASN B 167 -6.08 -4.68 2.62
CA ASN B 167 -4.78 -5.31 2.78
C ASN B 167 -4.84 -6.45 3.79
N HIS B 168 -5.60 -6.25 4.88
CA HIS B 168 -5.74 -7.29 5.90
C HIS B 168 -6.49 -8.51 5.36
N HIS B 169 -7.62 -8.29 4.65
CA HIS B 169 -8.37 -9.41 4.07
C HIS B 169 -7.45 -10.28 3.20
N LEU B 170 -6.66 -9.63 2.34
CA LEU B 170 -5.72 -10.35 1.49
C LEU B 170 -4.72 -11.14 2.33
N ALA B 171 -4.08 -10.47 3.29
CA ALA B 171 -3.06 -11.13 4.10
C ALA B 171 -3.61 -12.36 4.80
N VAL B 172 -4.82 -12.26 5.35
CA VAL B 172 -5.42 -13.41 6.03
C VAL B 172 -5.76 -14.48 5.00
N GLY B 173 -6.42 -14.09 3.91
CA GLY B 173 -6.80 -15.04 2.88
C GLY B 173 -5.64 -15.88 2.39
N PHE B 174 -4.47 -15.24 2.20
CA PHE B 174 -3.29 -15.96 1.71
C PHE B 174 -2.62 -16.76 2.82
N LYS B 175 -2.56 -16.20 4.03
CA LYS B 175 -1.86 -16.89 5.12
C LYS B 175 -2.54 -18.21 5.46
N LEU B 176 -3.87 -18.27 5.36
CA LEU B 176 -4.61 -19.50 5.65
C LEU B 176 -4.29 -20.63 4.67
N LEU B 177 -3.75 -20.31 3.49
CA LEU B 177 -3.27 -21.36 2.59
C LEU B 177 -2.11 -22.15 3.19
N GLN B 178 -1.45 -21.63 4.22
CA GLN B 178 -0.32 -22.31 4.83
C GLN B 178 -0.73 -23.25 5.96
N GLU B 179 -2.03 -23.39 6.24
CA GLU B 179 -2.44 -24.32 7.28
C GLU B 179 -2.49 -25.74 6.72
N GLU B 180 -2.48 -26.72 7.63
CA GLU B 180 -2.38 -28.12 7.24
C GLU B 180 -3.47 -28.50 6.25
N ASN B 181 -3.06 -28.96 5.08
CA ASN B 181 -3.95 -29.40 4.00
C ASN B 181 -4.84 -28.27 3.48
N CYS B 182 -4.34 -27.03 3.47
CA CYS B 182 -5.14 -25.89 3.03
C CYS B 182 -4.65 -25.24 1.74
N ASP B 183 -3.52 -25.70 1.19
CA ASP B 183 -2.94 -25.06 0.00
C ASP B 183 -3.62 -25.63 -1.25
N ILE B 184 -4.76 -25.05 -1.59
CA ILE B 184 -5.52 -25.46 -2.76
C ILE B 184 -4.79 -25.15 -4.07
N PHE B 185 -3.71 -24.38 -4.01
CA PHE B 185 -2.91 -24.03 -5.18
C PHE B 185 -1.64 -24.86 -5.30
N GLN B 186 -1.54 -25.96 -4.55
CA GLN B 186 -0.29 -26.71 -4.46
C GLN B 186 0.16 -27.25 -5.81
N ASN B 187 -0.78 -27.54 -6.72
CA ASN B 187 -0.45 -28.10 -8.02
C ASN B 187 -0.51 -27.08 -9.13
N LEU B 188 -0.62 -25.79 -8.79
CA LEU B 188 -0.32 -24.75 -9.75
C LEU B 188 1.19 -24.65 -9.93
N THR B 189 1.61 -24.33 -11.15
CA THR B 189 3.01 -24.07 -11.38
C THR B 189 3.44 -22.79 -10.65
N LYS B 190 4.76 -22.56 -10.61
CA LYS B 190 5.28 -21.40 -9.90
C LYS B 190 4.78 -20.10 -10.52
N LYS B 191 4.76 -20.03 -11.85
CA LYS B 191 4.34 -18.81 -12.53
C LYS B 191 2.84 -18.62 -12.46
N GLN B 192 2.08 -19.72 -12.43
CA GLN B 192 0.64 -19.61 -12.26
C GLN B 192 0.30 -19.02 -10.89
N ARG B 193 1.00 -19.46 -9.83
CA ARG B 193 0.78 -18.91 -8.50
C ARG B 193 1.11 -17.42 -8.46
N GLN B 194 2.28 -17.05 -9.00
CA GLN B 194 2.67 -15.64 -9.00
C GLN B 194 1.66 -14.78 -9.75
N SER B 195 1.17 -15.29 -10.89
CA SER B 195 0.17 -14.54 -11.66
C SER B 195 -1.15 -14.45 -10.89
N LEU B 196 -1.60 -15.58 -10.34
CA LEU B 196 -2.85 -15.59 -9.57
C LEU B 196 -2.76 -14.64 -8.39
N ARG B 197 -1.66 -14.73 -7.64
CA ARG B 197 -1.47 -13.87 -6.47
C ARG B 197 -1.64 -12.41 -6.83
N LYS B 198 -0.99 -11.98 -7.92
CA LYS B 198 -1.04 -10.57 -8.31
C LYS B 198 -2.45 -10.14 -8.70
N MET B 199 -3.15 -10.99 -9.43
CA MET B 199 -4.51 -10.64 -9.85
C MET B 199 -5.46 -10.58 -8.65
N VAL B 200 -5.33 -11.53 -7.72
CA VAL B 200 -6.17 -11.50 -6.52
C VAL B 200 -5.92 -10.23 -5.71
N ILE B 201 -4.65 -9.89 -5.51
CA ILE B 201 -4.31 -8.66 -4.78
C ILE B 201 -4.90 -7.44 -5.49
N ASP B 202 -4.66 -7.31 -6.81
CA ASP B 202 -5.23 -6.21 -7.57
C ASP B 202 -6.75 -6.16 -7.45
N ILE B 203 -7.42 -7.32 -7.44
CA ILE B 203 -8.88 -7.33 -7.37
C ILE B 203 -9.36 -6.90 -5.98
N VAL B 204 -8.81 -7.50 -4.91
CA VAL B 204 -9.31 -7.20 -3.57
C VAL B 204 -9.01 -5.75 -3.18
N LEU B 205 -7.82 -5.25 -3.52
CA LEU B 205 -7.54 -3.85 -3.22
C LEU B 205 -8.54 -2.92 -3.87
N ALA B 206 -9.08 -3.30 -5.03
CA ALA B 206 -10.05 -2.46 -5.71
C ALA B 206 -11.42 -2.51 -5.08
N THR B 207 -11.64 -3.37 -4.08
CA THR B 207 -12.93 -3.34 -3.39
C THR B 207 -13.01 -2.24 -2.33
N ASP B 208 -11.90 -1.55 -2.06
CA ASP B 208 -11.91 -0.41 -1.17
C ASP B 208 -12.84 0.65 -1.75
N MET B 209 -13.88 1.02 -0.99
CA MET B 209 -14.88 1.95 -1.52
C MET B 209 -14.30 3.34 -1.79
N SER B 210 -13.15 3.67 -1.21
CA SER B 210 -12.54 4.95 -1.55
C SER B 210 -12.00 4.98 -2.97
N LYS B 211 -11.85 3.83 -3.63
CA LYS B 211 -11.39 3.72 -5.00
C LYS B 211 -12.53 3.64 -6.02
N HIS B 212 -13.78 3.74 -5.56
CA HIS B 212 -14.93 3.50 -6.45
C HIS B 212 -14.95 4.46 -7.62
N MET B 213 -14.72 5.75 -7.36
CA MET B 213 -14.86 6.74 -8.43
C MET B 213 -13.80 6.59 -9.51
N ASN B 214 -12.53 6.41 -9.12
CA ASN B 214 -11.49 6.13 -10.11
C ASN B 214 -11.81 4.87 -10.89
N LEU B 215 -12.36 3.86 -10.21
CA LEU B 215 -12.71 2.61 -10.86
C LEU B 215 -13.82 2.82 -11.89
N LEU B 216 -14.86 3.58 -11.51
CA LEU B 216 -15.96 3.87 -12.41
C LEU B 216 -15.48 4.67 -13.62
N ALA B 217 -14.61 5.64 -13.40
CA ALA B 217 -14.06 6.41 -14.51
C ALA B 217 -13.36 5.50 -15.51
N ASP B 218 -12.63 4.50 -15.02
CA ASP B 218 -11.94 3.58 -15.91
C ASP B 218 -12.93 2.68 -16.65
N LEU B 219 -14.00 2.27 -15.97
CA LEU B 219 -15.05 1.51 -16.63
C LEU B 219 -15.73 2.34 -17.70
N LYS B 220 -15.98 3.62 -17.42
CA LYS B 220 -16.60 4.50 -18.41
C LYS B 220 -15.71 4.64 -19.63
N THR B 221 -14.44 5.00 -19.41
CA THR B 221 -13.47 5.10 -20.49
C THR B 221 -13.51 3.84 -21.35
N MET B 222 -13.42 2.68 -20.71
CA MET B 222 -13.47 1.42 -21.44
C MET B 222 -14.75 1.30 -22.26
N VAL B 223 -15.87 1.82 -21.74
CA VAL B 223 -17.11 1.79 -22.51
C VAL B 223 -17.01 2.70 -23.73
N GLU B 224 -16.47 3.91 -23.55
CA GLU B 224 -16.41 4.87 -24.66
C GLU B 224 -15.43 4.41 -25.74
N THR B 225 -14.47 3.56 -25.38
CA THR B 225 -13.50 3.01 -26.33
C THR B 225 -13.70 1.52 -26.56
N LYS B 226 -14.87 0.98 -26.19
CA LYS B 226 -15.09 -0.45 -26.30
C LYS B 226 -14.95 -0.93 -27.74
N LYS B 227 -14.37 -2.11 -27.90
CA LYS B 227 -14.33 -2.82 -29.18
C LYS B 227 -15.05 -4.15 -29.03
N VAL B 228 -15.72 -4.59 -30.10
CA VAL B 228 -16.65 -5.70 -30.06
C VAL B 228 -16.51 -6.54 -31.33
N THR B 229 -16.84 -7.83 -31.23
CA THR B 229 -17.07 -8.67 -32.40
C THR B 229 -18.40 -8.33 -33.10
N VAL B 233 -19.39 -9.12 -28.70
CA VAL B 233 -18.54 -9.69 -27.66
C VAL B 233 -17.30 -8.81 -27.44
N LEU B 234 -16.92 -8.68 -26.16
CA LEU B 234 -15.88 -7.74 -25.75
C LEU B 234 -14.50 -8.22 -26.18
N LEU B 235 -13.72 -7.30 -26.74
CA LEU B 235 -12.33 -7.56 -27.12
C LEU B 235 -11.43 -6.76 -26.18
N LEU B 236 -10.80 -7.45 -25.22
CA LEU B 236 -9.86 -6.83 -24.30
C LEU B 236 -8.47 -7.44 -24.53
N ASP B 237 -7.55 -6.63 -25.05
CA ASP B 237 -6.29 -7.23 -25.47
C ASP B 237 -5.23 -7.28 -24.38
N ASN B 238 -5.06 -6.21 -23.61
CA ASN B 238 -3.95 -6.13 -22.68
C ASN B 238 -4.42 -6.38 -21.26
N TYR B 239 -3.49 -6.89 -20.43
CA TYR B 239 -3.81 -7.18 -19.04
C TYR B 239 -4.48 -5.99 -18.35
N SER B 240 -4.00 -4.77 -18.63
CA SER B 240 -4.50 -3.61 -17.91
C SER B 240 -6.01 -3.45 -18.08
N ASP B 241 -6.52 -3.62 -19.30
CA ASP B 241 -7.97 -3.56 -19.49
C ASP B 241 -8.67 -4.74 -18.83
N ARG B 242 -8.10 -5.95 -18.93
CA ARG B 242 -8.75 -7.13 -18.39
C ARG B 242 -8.78 -7.15 -16.87
N ILE B 243 -7.74 -6.63 -16.21
CA ILE B 243 -7.78 -6.56 -14.76
C ILE B 243 -8.79 -5.50 -14.33
N GLN B 244 -8.90 -4.41 -15.10
CA GLN B 244 -9.88 -3.37 -14.80
C GLN B 244 -11.29 -3.92 -14.86
N VAL B 245 -11.61 -4.74 -15.87
CA VAL B 245 -12.94 -5.35 -15.95
C VAL B 245 -13.17 -6.26 -14.75
N LEU B 246 -12.17 -7.06 -14.39
CA LEU B 246 -12.30 -7.97 -13.26
C LEU B 246 -12.43 -7.22 -11.95
N GLN B 247 -11.75 -6.08 -11.84
CA GLN B 247 -11.90 -5.24 -10.65
C GLN B 247 -13.31 -4.67 -10.58
N ASN B 248 -13.78 -4.10 -11.68
CA ASN B 248 -15.13 -3.53 -11.67
C ASN B 248 -16.18 -4.62 -11.55
N MET B 249 -15.87 -5.82 -12.03
CA MET B 249 -16.78 -6.95 -11.87
C MET B 249 -17.01 -7.28 -10.40
N VAL B 250 -15.92 -7.54 -9.66
CA VAL B 250 -16.08 -7.91 -8.26
C VAL B 250 -16.63 -6.73 -7.47
N HIS B 251 -16.26 -5.51 -7.86
CA HIS B 251 -16.84 -4.31 -7.26
C HIS B 251 -18.35 -4.27 -7.47
N CYS B 252 -18.80 -4.63 -8.69
CA CYS B 252 -20.22 -4.75 -8.96
C CYS B 252 -20.87 -5.81 -8.09
N ALA B 253 -20.21 -6.96 -7.97
CA ALA B 253 -20.74 -8.05 -7.15
C ALA B 253 -20.78 -7.67 -5.67
N ASP B 254 -19.78 -6.90 -5.23
CA ASP B 254 -19.78 -6.32 -3.87
C ASP B 254 -20.95 -5.37 -3.69
N LEU B 255 -21.28 -4.60 -4.71
CA LEU B 255 -22.36 -3.62 -4.62
C LEU B 255 -23.63 -4.10 -5.31
N SER B 256 -23.93 -5.40 -5.24
CA SER B 256 -25.05 -5.96 -5.99
C SER B 256 -26.33 -6.05 -5.18
N ASN B 257 -26.27 -5.90 -3.85
CA ASN B 257 -27.47 -6.05 -3.01
C ASN B 257 -28.70 -5.37 -3.61
N PRO B 258 -28.66 -4.09 -4.01
CA PRO B 258 -29.90 -3.46 -4.51
C PRO B 258 -30.39 -3.97 -5.85
N THR B 259 -29.61 -4.83 -6.53
CA THR B 259 -30.01 -5.40 -7.83
C THR B 259 -30.63 -6.79 -7.71
N LYS B 260 -30.72 -7.31 -6.50
CA LYS B 260 -31.26 -8.64 -6.25
C LYS B 260 -32.77 -8.55 -6.03
N PRO B 261 -33.47 -9.69 -5.99
CA PRO B 261 -34.90 -9.66 -5.63
C PRO B 261 -35.11 -8.99 -4.28
N LEU B 262 -36.20 -8.21 -4.18
CA LEU B 262 -36.44 -7.34 -3.03
C LEU B 262 -36.32 -8.08 -1.71
N GLN B 263 -36.82 -9.32 -1.63
CA GLN B 263 -36.79 -10.05 -0.36
C GLN B 263 -35.35 -10.28 0.11
N LEU B 264 -34.41 -10.44 -0.82
CA LEU B 264 -33.00 -10.54 -0.44
C LEU B 264 -32.42 -9.17 -0.11
N TYR B 265 -32.70 -8.18 -0.96
CA TYR B 265 -32.20 -6.83 -0.75
C TYR B 265 -32.60 -6.28 0.61
N ARG B 266 -33.84 -6.50 1.02
CA ARG B 266 -34.26 -5.95 2.31
C ARG B 266 -33.49 -6.57 3.47
N GLN B 267 -33.14 -7.86 3.38
CA GLN B 267 -32.35 -8.45 4.46
C GLN B 267 -30.93 -7.93 4.47
N TRP B 268 -30.37 -7.63 3.30
CA TRP B 268 -29.06 -6.99 3.25
C TRP B 268 -29.11 -5.59 3.83
N THR B 269 -30.16 -4.83 3.54
CA THR B 269 -30.28 -3.49 4.11
C THR B 269 -30.36 -3.56 5.63
N ASP B 270 -31.18 -4.48 6.16
CA ASP B 270 -31.29 -4.64 7.60
C ASP B 270 -29.94 -4.92 8.22
N ARG B 271 -29.14 -5.77 7.57
CA ARG B 271 -27.85 -6.17 8.13
C ARG B 271 -26.83 -5.03 8.08
N ILE B 272 -26.76 -4.29 6.96
CA ILE B 272 -25.76 -3.21 6.88
C ILE B 272 -26.12 -2.08 7.85
N MET B 273 -27.42 -1.79 8.04
CA MET B 273 -27.78 -0.73 8.96
C MET B 273 -27.48 -1.14 10.40
N GLU B 274 -27.68 -2.42 10.72
CA GLU B 274 -27.31 -2.92 12.04
C GLU B 274 -25.81 -2.75 12.27
N GLU B 275 -25.00 -3.11 11.28
CA GLU B 275 -23.56 -2.96 11.43
C GLU B 275 -23.17 -1.48 11.52
N PHE B 276 -23.79 -0.62 10.70
CA PHE B 276 -23.53 0.81 10.76
C PHE B 276 -23.89 1.38 12.14
N PHE B 277 -25.07 1.03 12.63
CA PHE B 277 -25.51 1.59 13.92
C PHE B 277 -24.60 1.14 15.06
N ARG B 278 -24.16 -0.12 15.04
CA ARG B 278 -23.22 -0.59 16.04
C ARG B 278 -21.90 0.17 15.98
N GLN B 279 -21.46 0.57 14.77
CA GLN B 279 -20.28 1.42 14.68
C GLN B 279 -20.57 2.82 15.21
N GLY B 280 -21.74 3.36 14.91
CA GLY B 280 -22.09 4.68 15.43
C GLY B 280 -22.24 4.69 16.94
N ASP B 281 -22.69 3.57 17.52
CA ASP B 281 -22.70 3.44 18.98
C ASP B 281 -21.29 3.45 19.54
N ARG B 282 -20.38 2.68 18.92
CA ARG B 282 -18.99 2.70 19.35
C ARG B 282 -18.40 4.09 19.19
N GLU B 283 -18.70 4.76 18.08
CA GLU B 283 -18.27 6.13 17.92
C GLU B 283 -18.84 7.02 19.01
N ARG B 284 -20.09 6.77 19.42
CA ARG B 284 -20.70 7.61 20.46
C ARG B 284 -20.10 7.32 21.83
N GLU B 285 -19.95 6.05 22.18
CA GLU B 285 -19.39 5.69 23.49
C GLU B 285 -17.97 6.20 23.65
N ARG B 286 -17.22 6.30 22.54
CA ARG B 286 -15.91 6.93 22.49
C ARG B 286 -15.99 8.43 22.32
N GLY B 287 -17.18 8.99 22.15
CA GLY B 287 -17.30 10.41 21.85
C GLY B 287 -16.61 10.88 20.59
N MET B 288 -16.59 10.07 19.54
CA MET B 288 -16.10 10.56 18.27
C MET B 288 -17.28 10.88 17.34
N GLU B 289 -16.97 11.62 16.26
CA GLU B 289 -17.99 12.00 15.30
C GLU B 289 -18.64 10.77 14.68
N ILE B 290 -19.97 10.79 14.55
CA ILE B 290 -20.72 9.64 14.08
C ILE B 290 -20.67 9.58 12.55
N SER B 291 -20.36 8.40 12.01
CA SER B 291 -20.20 8.27 10.58
C SER B 291 -21.55 8.36 9.88
N PRO B 292 -21.56 8.81 8.61
CA PRO B 292 -22.82 8.90 7.88
C PRO B 292 -23.55 7.57 7.88
N MET B 293 -24.87 7.64 8.06
CA MET B 293 -25.79 6.51 8.10
C MET B 293 -25.62 5.64 9.34
N CYS B 294 -24.79 6.06 10.30
CA CYS B 294 -24.47 5.23 11.47
C CYS B 294 -25.13 5.69 12.76
N ASP B 295 -25.89 6.79 12.73
CA ASP B 295 -26.56 7.34 13.91
C ASP B 295 -27.96 6.77 14.00
N LYS B 296 -28.15 5.74 14.84
CA LYS B 296 -29.46 5.10 14.96
C LYS B 296 -30.54 6.06 15.45
N HIS B 297 -30.16 7.11 16.19
CA HIS B 297 -31.10 8.13 16.63
C HIS B 297 -31.35 9.20 15.58
N ASN B 298 -30.79 9.03 14.37
CA ASN B 298 -30.88 10.06 13.36
C ASN B 298 -30.56 9.52 11.98
N ALA B 299 -31.25 8.46 11.56
CA ALA B 299 -30.98 7.82 10.28
C ALA B 299 -32.29 7.49 9.59
N SER B 300 -32.37 7.76 8.28
CA SER B 300 -33.48 7.26 7.47
C SER B 300 -32.97 6.09 6.64
N VAL B 301 -33.35 4.88 7.03
CA VAL B 301 -32.88 3.70 6.32
C VAL B 301 -33.29 3.78 4.85
N GLU B 302 -34.52 4.22 4.60
CA GLU B 302 -35.05 4.21 3.25
C GLU B 302 -34.43 5.30 2.39
N LYS B 303 -34.30 6.52 2.92
CA LYS B 303 -33.70 7.57 2.12
C LYS B 303 -32.24 7.25 1.82
N SER B 304 -31.54 6.63 2.78
CA SER B 304 -30.15 6.24 2.55
C SER B 304 -30.05 5.25 1.40
N GLN B 305 -30.99 4.31 1.32
CA GLN B 305 -30.97 3.33 0.24
C GLN B 305 -31.16 3.99 -1.11
N VAL B 306 -32.15 4.87 -1.22
CA VAL B 306 -32.39 5.59 -2.47
C VAL B 306 -31.16 6.42 -2.84
N GLY B 307 -30.58 7.13 -1.88
CA GLY B 307 -29.35 7.87 -2.15
C GLY B 307 -28.21 6.95 -2.53
N PHE B 308 -28.09 5.81 -1.86
CA PHE B 308 -27.08 4.80 -2.21
C PHE B 308 -27.22 4.39 -3.68
N ILE B 309 -28.45 4.11 -4.10
CA ILE B 309 -28.67 3.64 -5.46
C ILE B 309 -28.40 4.76 -6.47
N ASP B 310 -28.93 5.95 -6.19
CA ASP B 310 -28.82 7.07 -7.12
C ASP B 310 -27.36 7.46 -7.36
N TYR B 311 -26.54 7.49 -6.30
CA TYR B 311 -25.19 8.05 -6.41
C TYR B 311 -24.10 7.01 -6.64
N ILE B 312 -24.32 5.75 -6.24
CA ILE B 312 -23.27 4.74 -6.28
C ILE B 312 -23.69 3.57 -7.16
N VAL B 313 -24.78 2.90 -6.78
CA VAL B 313 -25.07 1.58 -7.35
C VAL B 313 -25.60 1.68 -8.77
N HIS B 314 -26.48 2.65 -9.03
CA HIS B 314 -27.01 2.76 -10.39
C HIS B 314 -25.99 3.34 -11.35
N PRO B 315 -25.26 4.43 -11.03
CA PRO B 315 -24.14 4.83 -11.92
C PRO B 315 -23.21 3.69 -12.26
N LEU B 316 -22.85 2.85 -11.28
CA LEU B 316 -21.93 1.74 -11.54
C LEU B 316 -22.59 0.67 -12.41
N TRP B 317 -23.81 0.26 -12.06
CA TRP B 317 -24.45 -0.81 -12.81
C TRP B 317 -24.95 -0.34 -14.18
N GLU B 318 -25.25 0.95 -14.34
CA GLU B 318 -25.60 1.45 -15.67
C GLU B 318 -24.37 1.49 -16.57
N THR B 319 -23.21 1.83 -16.00
CA THR B 319 -21.99 1.83 -16.79
C THR B 319 -21.60 0.40 -17.16
N TRP B 320 -21.68 -0.53 -16.20
CA TRP B 320 -21.45 -1.94 -16.48
C TRP B 320 -22.42 -2.47 -17.52
N ALA B 321 -23.70 -2.11 -17.39
CA ALA B 321 -24.69 -2.55 -18.36
C ALA B 321 -24.33 -2.08 -19.77
N ASP B 322 -23.87 -0.83 -19.88
CA ASP B 322 -23.37 -0.34 -21.16
C ASP B 322 -22.23 -1.22 -21.68
N LEU B 323 -21.27 -1.55 -20.81
CA LEU B 323 -20.12 -2.35 -21.26
C LEU B 323 -20.55 -3.69 -21.84
N VAL B 324 -21.55 -4.33 -21.23
CA VAL B 324 -21.96 -5.65 -21.68
C VAL B 324 -23.31 -5.60 -22.40
N HIS B 325 -23.73 -4.41 -22.83
CA HIS B 325 -24.93 -4.07 -23.60
C HIS B 325 -25.37 -5.20 -24.52
N PRO B 326 -26.58 -5.74 -24.33
CA PRO B 326 -27.47 -5.40 -23.22
C PRO B 326 -27.69 -6.58 -22.28
N ASP B 327 -26.63 -7.33 -21.95
CA ASP B 327 -26.77 -8.54 -21.14
C ASP B 327 -27.09 -8.26 -19.67
N ALA B 328 -26.95 -7.01 -19.22
CA ALA B 328 -27.25 -6.63 -17.84
C ALA B 328 -28.61 -5.95 -17.72
N GLN B 329 -29.49 -6.18 -18.70
CA GLN B 329 -30.76 -5.46 -18.72
C GLN B 329 -31.66 -5.87 -17.57
N ASP B 330 -31.75 -7.17 -17.28
CA ASP B 330 -32.63 -7.63 -16.21
C ASP B 330 -32.12 -7.21 -14.84
N ILE B 331 -30.79 -7.12 -14.67
CA ILE B 331 -30.23 -6.65 -13.41
C ILE B 331 -30.53 -5.17 -13.22
N LEU B 332 -30.27 -4.36 -14.23
CA LEU B 332 -30.59 -2.94 -14.15
C LEU B 332 -32.09 -2.71 -13.95
N ASP B 333 -32.94 -3.58 -14.52
CA ASP B 333 -34.38 -3.48 -14.32
C ASP B 333 -34.75 -3.69 -12.86
N THR B 334 -34.26 -4.78 -12.27
CA THR B 334 -34.53 -5.07 -10.86
C THR B 334 -34.04 -3.94 -9.96
N LEU B 335 -32.85 -3.41 -10.23
CA LEU B 335 -32.35 -2.28 -9.48
C LEU B 335 -33.31 -1.10 -9.54
N GLU B 336 -33.82 -0.80 -10.72
CA GLU B 336 -34.75 0.32 -10.84
C GLU B 336 -36.10 -0.02 -10.21
N ASP B 337 -36.51 -1.29 -10.26
CA ASP B 337 -37.70 -1.72 -9.53
C ASP B 337 -37.50 -1.54 -8.03
N ASN B 338 -36.33 -1.91 -7.54
CA ASN B 338 -36.08 -1.85 -6.10
C ASN B 338 -35.96 -0.42 -5.63
N ARG B 339 -35.36 0.44 -6.46
CA ARG B 339 -35.26 1.85 -6.12
C ARG B 339 -36.64 2.49 -6.04
N GLU B 340 -37.53 2.12 -6.96
CA GLU B 340 -38.88 2.65 -6.93
C GLU B 340 -39.61 2.22 -5.67
N TRP B 341 -39.44 0.97 -5.25
CA TRP B 341 -40.10 0.49 -4.05
C TRP B 341 -39.59 1.25 -2.82
N TYR B 342 -38.27 1.30 -2.64
CA TYR B 342 -37.73 2.03 -1.50
C TYR B 342 -38.20 3.48 -1.49
N GLN B 343 -38.21 4.13 -2.67
CA GLN B 343 -38.73 5.49 -2.72
C GLN B 343 -40.19 5.56 -2.26
N SER B 344 -40.98 4.54 -2.59
CA SER B 344 -42.39 4.57 -2.20
C SER B 344 -42.60 4.40 -0.70
N THR B 345 -41.61 3.85 0.02
CA THR B 345 -41.72 3.75 1.47
C THR B 345 -41.42 5.08 2.18
N ILE B 346 -40.95 6.09 1.47
CA ILE B 346 -40.72 7.42 2.05
C ILE B 346 -42.00 8.24 1.90
N PRO B 347 -42.64 8.66 3.01
CA PRO B 347 -43.89 9.43 3.01
C PRO B 347 -43.81 10.76 2.24
C4 AKO C . 23.13 0.38 -5.35
C14 AKO C . 19.41 -0.74 -6.36
C5 AKO C . 22.16 0.75 -4.41
C6 AKO C . 22.49 1.68 -3.42
C11 AKO C . 25.05 -0.41 -7.17
C7 AKO C . 20.80 0.11 -4.48
C8 AKO C . 20.07 1.74 -2.79
C9 AKO C . 21.48 2.11 -2.39
C10 AKO C . 26.51 3.06 -3.28
C12 AKO C . 19.37 -0.65 -2.64
C13 AKO C . 20.03 0.51 -5.74
N1 AKO C . 20.04 0.35 -3.26
N2 AKO C . 17.14 -0.19 -9.24
C3 AKO C . 24.39 0.92 -5.32
C1 AKO C . 23.78 2.21 -3.40
C15 AKO C . 18.73 -0.50 -7.68
C16 AKO C . 17.38 -0.41 -7.91
C17 AKO C . 18.34 -0.13 -9.91
C18 AKO C . 19.37 -0.32 -8.96
C19 AKO C . 18.60 0.06 -11.25
C2 AKO C . 24.73 1.86 -4.34
C20 AKO C . 19.93 0.07 -11.68
C21 AKO C . 20.95 -0.12 -10.74
C22 AKO C . 20.70 -0.31 -9.40
C23 AKO C . 20.27 0.27 -13.12
O1 AKO C . 26.01 2.33 -4.40
O2 AKO C . 25.37 0.60 -6.21
O3 AKO C . 18.81 -0.55 -1.56
MG MG D . 14.65 1.92 1.81
ZN ZN E . 17.55 4.17 2.41
C1 EDO F . 20.23 -5.81 -6.02
O1 EDO F . 19.61 -6.34 -7.17
C2 EDO F . 19.18 -5.70 -4.92
O2 EDO F . 17.94 -6.03 -5.50
C1 EDO G . 21.04 13.95 -17.77
O1 EDO G . 20.75 14.15 -19.15
C2 EDO G . 20.76 12.51 -17.35
O2 EDO G . 21.79 12.11 -16.49
C1 EDO H . -1.81 8.20 2.38
O1 EDO H . -1.34 9.41 1.89
C2 EDO H . -1.68 8.17 3.91
O2 EDO H . -2.73 8.91 4.47
C1 EDO I . -0.12 -6.14 -6.64
O1 EDO I . 0.14 -5.88 -7.99
C2 EDO I . 1.04 -6.91 -6.04
O2 EDO I . 1.85 -7.41 -7.06
C4 AKO J . -24.29 0.79 2.07
C14 AKO J . -20.45 2.53 1.63
C5 AKO J . -23.20 -0.06 1.90
C6 AKO J . -23.42 -1.39 1.56
C11 AKO J . -26.39 2.40 2.60
C7 AKO J . -21.84 0.50 2.15
C8 AKO J . -20.95 -1.60 1.26
C9 AKO J . -22.26 -2.33 1.37
C10 AKO J . -27.36 -2.74 1.39
C12 AKO J . -20.04 -0.54 3.30
C13 AKO J . -21.39 1.49 1.05
N1 AKO J . -20.86 -0.56 2.27
N2 AKO J . -19.73 5.67 -0.17
C3 AKO J . -25.57 0.34 1.89
C1 AKO J . -24.72 -1.84 1.38
C15 AKO J . -20.45 3.85 0.92
C16 AKO J . -19.37 4.51 0.43
C17 AKO J . -21.08 5.81 -0.08
C18 AKO J . -21.57 4.68 0.59
C19 AKO J . -21.91 6.82 -0.56
C2 AKO J . -25.80 -0.99 1.53
C20 AKO J . -23.27 6.71 -0.34
C21 AKO J . -23.77 5.62 0.33
C22 AKO J . -22.95 4.60 0.79
C23 AKO J . -24.21 7.79 -0.81
O1 AKO J . -27.09 -1.36 1.34
O2 AKO J . -26.65 1.13 2.05
O3 AKO J . -19.13 -1.30 3.45
MG MG K . -3.38 -10.27 -27.36
MG MG L . -14.65 -4.91 1.77
ZN ZN M . -17.60 -6.86 0.58
C1 EDO N . -19.61 3.41 6.32
O1 EDO N . -18.27 3.73 6.59
C2 EDO N . -20.46 4.31 7.21
O2 EDO N . -20.39 5.64 6.76
#